data_1AMB
# 
_entry.id   1AMB 
# 
_audit_conform.dict_name       mmcif_pdbx.dic 
_audit_conform.dict_version    5.392 
_audit_conform.dict_location   http://mmcif.pdb.org/dictionaries/ascii/mmcif_pdbx.dic 
# 
loop_
_database_2.database_id 
_database_2.database_code 
_database_2.pdbx_database_accession 
_database_2.pdbx_DOI 
PDB   1AMB         pdb_00001amb 10.2210/pdb1amb/pdb 
WWPDB D_1000170993 ?            ?                   
# 
loop_
_pdbx_audit_revision_history.ordinal 
_pdbx_audit_revision_history.data_content_type 
_pdbx_audit_revision_history.major_revision 
_pdbx_audit_revision_history.minor_revision 
_pdbx_audit_revision_history.revision_date 
1 'Structure model' 1 0 1994-12-20 
2 'Structure model' 1 1 2008-03-24 
3 'Structure model' 1 2 2011-07-13 
4 'Structure model' 1 3 2022-02-16 
5 'Structure model' 1 4 2024-05-22 
# 
_pdbx_audit_revision_details.ordinal             1 
_pdbx_audit_revision_details.revision_ordinal    1 
_pdbx_audit_revision_details.data_content_type   'Structure model' 
_pdbx_audit_revision_details.provider            repository 
_pdbx_audit_revision_details.type                'Initial release' 
_pdbx_audit_revision_details.description         ? 
_pdbx_audit_revision_details.details             ? 
# 
loop_
_pdbx_audit_revision_group.ordinal 
_pdbx_audit_revision_group.revision_ordinal 
_pdbx_audit_revision_group.data_content_type 
_pdbx_audit_revision_group.group 
1 2 'Structure model' 'Version format compliance' 
2 3 'Structure model' 'Version format compliance' 
3 4 'Structure model' 'Database references'       
4 4 'Structure model' 'Derived calculations'      
5 4 'Structure model' Other                       
6 5 'Structure model' 'Data collection'           
# 
loop_
_pdbx_audit_revision_category.ordinal 
_pdbx_audit_revision_category.revision_ordinal 
_pdbx_audit_revision_category.data_content_type 
_pdbx_audit_revision_category.category 
1 4 'Structure model' database_2            
2 4 'Structure model' pdbx_database_status  
3 4 'Structure model' pdbx_struct_assembly  
4 4 'Structure model' pdbx_struct_oper_list 
5 5 'Structure model' chem_comp_atom        
6 5 'Structure model' chem_comp_bond        
# 
loop_
_pdbx_audit_revision_item.ordinal 
_pdbx_audit_revision_item.revision_ordinal 
_pdbx_audit_revision_item.data_content_type 
_pdbx_audit_revision_item.item 
1 4 'Structure model' '_database_2.pdbx_DOI'                
2 4 'Structure model' '_database_2.pdbx_database_accession' 
3 4 'Structure model' '_pdbx_database_status.process_site'  
# 
_pdbx_database_status.status_code                     REL 
_pdbx_database_status.entry_id                        1AMB 
_pdbx_database_status.recvd_initial_deposition_date   1994-10-21 
_pdbx_database_status.deposit_site                    ? 
_pdbx_database_status.process_site                    BNL 
_pdbx_database_status.status_code_sf                  ? 
_pdbx_database_status.status_code_mr                  REL 
_pdbx_database_status.SG_entry                        ? 
_pdbx_database_status.pdb_format_compatible           Y 
_pdbx_database_status.status_code_cs                  ? 
_pdbx_database_status.status_code_nmr_data            ? 
_pdbx_database_status.methods_development_category    ? 
# 
_pdbx_database_related.db_name        PDB 
_pdbx_database_related.db_id          1AMC 
_pdbx_database_related.details        . 
_pdbx_database_related.content_type   ensemble 
# 
loop_
_audit_author.name 
_audit_author.pdbx_ordinal 
'Talafous, J.'      1 
'Marcinowski, K.J.' 2 
'Klopman, G.'       3 
'Zagorski, M.G.'    4 
# 
loop_
_citation.id 
_citation.title 
_citation.journal_abbrev 
_citation.journal_volume 
_citation.page_first 
_citation.page_last 
_citation.year 
_citation.journal_id_ASTM 
_citation.country 
_citation.journal_id_ISSN 
_citation.journal_id_CSD 
_citation.book_publisher 
_citation.pdbx_database_id_PubMed 
_citation.pdbx_database_id_DOI 
primary 'Solution structure of residues 1-28 of the amyloid beta-peptide.' Biochemistry 33  7788 7796 1994 BICHAW US 0006-2960 
0033 ? 7516706 10.1021/bi00191a006 
1       
;NMR Studies of Amyloid Beta-Peptides: Proton Assignments Secondary Structure, and Mechanism of an Alpha-Helix to Beta-Sheet Conversion for a Homologous, 28-Residue N-Terminal Fragment
;
Biochemistry 31  5621 ?    1992 BICHAW US 0006-2960 0033 ? ?       ?                   
2       'Solution Structures of Beta-Peptide and its Constituent Fragments: Relation to Amyloid Deposition' Science      253 179  
?    1991 SCIEAS US 0036-8075 0038 ? ?       ?                   
# 
loop_
_citation_author.citation_id 
_citation_author.name 
_citation_author.ordinal 
_citation_author.identifier_ORCID 
primary 'Talafous, J.'      1 ? 
primary 'Marcinowski, K.J.' 2 ? 
primary 'Klopman, G.'       3 ? 
primary 'Zagorski, M.G.'    4 ? 
1       'Zagorski, M.G.'    5 ? 
1       'Barrow, C.J.'      6 ? 
2       'Barrow, C.J.'      7 ? 
2       'Zagorski, M.G.'    8 ? 
# 
_entity.id                         1 
_entity.type                       polymer 
_entity.src_method                 man 
_entity.pdbx_description           'AMYLOID BETA-PEPTIDE' 
_entity.formula_weight             3268.506 
_entity.pdbx_number_of_molecules   1 
_entity.pdbx_ec                    ? 
_entity.pdbx_mutation              ? 
_entity.pdbx_fragment              ? 
_entity.details                    ? 
# 
_entity_poly.entity_id                      1 
_entity_poly.type                           'polypeptide(L)' 
_entity_poly.nstd_linkage                   no 
_entity_poly.nstd_monomer                   no 
_entity_poly.pdbx_seq_one_letter_code       DAEFRHDSGYEVHHQKLVFFAEDVGSNK 
_entity_poly.pdbx_seq_one_letter_code_can   DAEFRHDSGYEVHHQKLVFFAEDVGSNK 
_entity_poly.pdbx_strand_id                 A 
_entity_poly.pdbx_target_identifier         ? 
# 
loop_
_entity_poly_seq.entity_id 
_entity_poly_seq.num 
_entity_poly_seq.mon_id 
_entity_poly_seq.hetero 
1 1  ASP n 
1 2  ALA n 
1 3  GLU n 
1 4  PHE n 
1 5  ARG n 
1 6  HIS n 
1 7  ASP n 
1 8  SER n 
1 9  GLY n 
1 10 TYR n 
1 11 GLU n 
1 12 VAL n 
1 13 HIS n 
1 14 HIS n 
1 15 GLN n 
1 16 LYS n 
1 17 LEU n 
1 18 VAL n 
1 19 PHE n 
1 20 PHE n 
1 21 ALA n 
1 22 GLU n 
1 23 ASP n 
1 24 VAL n 
1 25 GLY n 
1 26 SER n 
1 27 ASN n 
1 28 LYS n 
# 
_entity_src_gen.entity_id                          1 
_entity_src_gen.pdbx_src_id                        1 
_entity_src_gen.pdbx_alt_source_flag               sample 
_entity_src_gen.pdbx_seq_type                      ? 
_entity_src_gen.pdbx_beg_seq_num                   ? 
_entity_src_gen.pdbx_end_seq_num                   ? 
_entity_src_gen.gene_src_common_name               human 
_entity_src_gen.gene_src_genus                     Homo 
_entity_src_gen.pdbx_gene_src_gene                 ? 
_entity_src_gen.gene_src_species                   ? 
_entity_src_gen.gene_src_strain                    ? 
_entity_src_gen.gene_src_tissue                    ? 
_entity_src_gen.gene_src_tissue_fraction           ? 
_entity_src_gen.gene_src_details                   ? 
_entity_src_gen.pdbx_gene_src_fragment             ? 
_entity_src_gen.pdbx_gene_src_scientific_name      'Homo sapiens' 
_entity_src_gen.pdbx_gene_src_ncbi_taxonomy_id     9606 
_entity_src_gen.pdbx_gene_src_variant              ? 
_entity_src_gen.pdbx_gene_src_cell_line            ? 
_entity_src_gen.pdbx_gene_src_atcc                 ? 
_entity_src_gen.pdbx_gene_src_organ                ? 
_entity_src_gen.pdbx_gene_src_organelle            ? 
_entity_src_gen.pdbx_gene_src_cell                 ? 
_entity_src_gen.pdbx_gene_src_cellular_location    ? 
_entity_src_gen.host_org_common_name               ? 
_entity_src_gen.pdbx_host_org_scientific_name      ? 
_entity_src_gen.pdbx_host_org_ncbi_taxonomy_id     ? 
_entity_src_gen.host_org_genus                     ? 
_entity_src_gen.pdbx_host_org_gene                 ? 
_entity_src_gen.pdbx_host_org_organ                ? 
_entity_src_gen.host_org_species                   ? 
_entity_src_gen.pdbx_host_org_tissue               ? 
_entity_src_gen.pdbx_host_org_tissue_fraction      ? 
_entity_src_gen.pdbx_host_org_strain               ? 
_entity_src_gen.pdbx_host_org_variant              ? 
_entity_src_gen.pdbx_host_org_cell_line            ? 
_entity_src_gen.pdbx_host_org_atcc                 ? 
_entity_src_gen.pdbx_host_org_culture_collection   ? 
_entity_src_gen.pdbx_host_org_cell                 ? 
_entity_src_gen.pdbx_host_org_organelle            ? 
_entity_src_gen.pdbx_host_org_cellular_location    ? 
_entity_src_gen.pdbx_host_org_vector_type          ? 
_entity_src_gen.pdbx_host_org_vector               ? 
_entity_src_gen.host_org_details                   ? 
_entity_src_gen.expression_system_id               ? 
_entity_src_gen.plasmid_name                       ? 
_entity_src_gen.plasmid_details                    ? 
_entity_src_gen.pdbx_description                   ? 
# 
loop_
_chem_comp.id 
_chem_comp.type 
_chem_comp.mon_nstd_flag 
_chem_comp.name 
_chem_comp.pdbx_synonyms 
_chem_comp.formula 
_chem_comp.formula_weight 
ALA 'L-peptide linking' y ALANINE         ? 'C3 H7 N O2'     89.093  
ARG 'L-peptide linking' y ARGININE        ? 'C6 H15 N4 O2 1' 175.209 
ASN 'L-peptide linking' y ASPARAGINE      ? 'C4 H8 N2 O3'    132.118 
ASP 'L-peptide linking' y 'ASPARTIC ACID' ? 'C4 H7 N O4'     133.103 
GLN 'L-peptide linking' y GLUTAMINE       ? 'C5 H10 N2 O3'   146.144 
GLU 'L-peptide linking' y 'GLUTAMIC ACID' ? 'C5 H9 N O4'     147.129 
GLY 'peptide linking'   y GLYCINE         ? 'C2 H5 N O2'     75.067  
HIS 'L-peptide linking' y HISTIDINE       ? 'C6 H10 N3 O2 1' 156.162 
LEU 'L-peptide linking' y LEUCINE         ? 'C6 H13 N O2'    131.173 
LYS 'L-peptide linking' y LYSINE          ? 'C6 H15 N2 O2 1' 147.195 
PHE 'L-peptide linking' y PHENYLALANINE   ? 'C9 H11 N O2'    165.189 
SER 'L-peptide linking' y SERINE          ? 'C3 H7 N O3'     105.093 
TYR 'L-peptide linking' y TYROSINE        ? 'C9 H11 N O3'    181.189 
VAL 'L-peptide linking' y VALINE          ? 'C5 H11 N O2'    117.146 
# 
loop_
_pdbx_poly_seq_scheme.asym_id 
_pdbx_poly_seq_scheme.entity_id 
_pdbx_poly_seq_scheme.seq_id 
_pdbx_poly_seq_scheme.mon_id 
_pdbx_poly_seq_scheme.ndb_seq_num 
_pdbx_poly_seq_scheme.pdb_seq_num 
_pdbx_poly_seq_scheme.auth_seq_num 
_pdbx_poly_seq_scheme.pdb_mon_id 
_pdbx_poly_seq_scheme.auth_mon_id 
_pdbx_poly_seq_scheme.pdb_strand_id 
_pdbx_poly_seq_scheme.pdb_ins_code 
_pdbx_poly_seq_scheme.hetero 
A 1 1  ASP 1  1  1  ASP ASP A . n 
A 1 2  ALA 2  2  2  ALA ALA A . n 
A 1 3  GLU 3  3  3  GLU GLU A . n 
A 1 4  PHE 4  4  4  PHE PHE A . n 
A 1 5  ARG 5  5  5  ARG ARG A . n 
A 1 6  HIS 6  6  6  HIS HIS A . n 
A 1 7  ASP 7  7  7  ASP ASP A . n 
A 1 8  SER 8  8  8  SER SER A . n 
A 1 9  GLY 9  9  9  GLY GLY A . n 
A 1 10 TYR 10 10 10 TYR TYR A . n 
A 1 11 GLU 11 11 11 GLU GLU A . n 
A 1 12 VAL 12 12 12 VAL VAL A . n 
A 1 13 HIS 13 13 13 HIS HIS A . n 
A 1 14 HIS 14 14 14 HIS HIS A . n 
A 1 15 GLN 15 15 15 GLN GLN A . n 
A 1 16 LYS 16 16 16 LYS LYS A . n 
A 1 17 LEU 17 17 17 LEU LEU A . n 
A 1 18 VAL 18 18 18 VAL VAL A . n 
A 1 19 PHE 19 19 19 PHE PHE A . n 
A 1 20 PHE 20 20 20 PHE PHE A . n 
A 1 21 ALA 21 21 21 ALA ALA A . n 
A 1 22 GLU 22 22 22 GLU GLU A . n 
A 1 23 ASP 23 23 23 ASP ASP A . n 
A 1 24 VAL 24 24 24 VAL VAL A . n 
A 1 25 GLY 25 25 25 GLY GLY A . n 
A 1 26 SER 26 26 26 SER SER A . n 
A 1 27 ASN 27 27 27 ASN ASN A . n 
A 1 28 LYS 28 28 28 LYS LYS A . n 
# 
loop_
_software.name 
_software.classification 
_software.version 
_software.citation_id 
_software.pdbx_ordinal 
X-PLOR 'model building' 3.0 ? 1 
X-PLOR refinement       3.0 ? 2 
X-PLOR phasing          3.0 ? 3 
# 
_cell.entry_id           1AMB 
_cell.length_a           1.000 
_cell.length_b           1.000 
_cell.length_c           1.000 
_cell.angle_alpha        90.00 
_cell.angle_beta         90.00 
_cell.angle_gamma        90.00 
_cell.Z_PDB              1 
_cell.pdbx_unique_axis   ? 
# 
_symmetry.entry_id                         1AMB 
_symmetry.space_group_name_H-M             'P 1' 
_symmetry.pdbx_full_space_group_name_H-M   ? 
_symmetry.cell_setting                     ? 
_symmetry.Int_Tables_number                1 
# 
_exptl.entry_id          1AMB 
_exptl.method            'SOLUTION NMR' 
_exptl.crystals_number   ? 
# 
_struct.entry_id                  1AMB 
_struct.title                     'SOLUTION STRUCTURE OF RESIDUES 1-28 OF THE AMYLOID BETA-PEPTIDE' 
_struct.pdbx_model_details        ? 
_struct.pdbx_CASP_flag            ? 
_struct.pdbx_model_type_details   ? 
# 
_struct_keywords.entry_id        1AMB 
_struct_keywords.pdbx_keywords   'PROTEINASE INHIBITOR(TRYPSIN)' 
_struct_keywords.text            'PROTEINASE INHIBITOR(TRYPSIN)' 
# 
_struct_asym.id                            A 
_struct_asym.pdbx_blank_PDB_chainid_flag   Y 
_struct_asym.pdbx_modified                 N 
_struct_asym.entity_id                     1 
_struct_asym.details                       ? 
# 
_struct_ref.id                         1 
_struct_ref.db_name                    UNP 
_struct_ref.db_code                    A4_HUMAN 
_struct_ref.entity_id                  1 
_struct_ref.pdbx_db_accession          P05067 
_struct_ref.pdbx_align_begin           1 
_struct_ref.pdbx_seq_one_letter_code   
;MLPGLALLLLAAWTARALEVPTDGNAGLLAEPQIAMFCGRLNMHMNVQNGKWDSDPSGTKTCIDTKEGILQYCQEVYPEL
QITNVVEANQPVTIQNWCKRGRKQCKTHPHFVIPYRCLVGEFVSDALLVPDKCKFLHQERMDVCETHLHWHTVAKETCSE
KSTNLHDYGMLLPCGIDKFRGVEFVCCPLAEESDNVDSADAEEDDSDVWWGGADTDYADGSEDKVVEVAEEEEVAEVEEE
EADDDEDDEDGDEVEEEAEEPYEEATERTTSIATTTTTTTESVEEVVREVCSEQAETGPCRAMISRWYFDVTEGKCAPFF
YGGCGGNRNNFDTEEYCMAVCGSAMSQSLLKTTQEPLARDPVKLPTTAASTPDAVDKYLETPGDENEHAHFQKAKERLEA
KHRERMSQVMREWEEAERQAKNLPKADKKAVIQHFQEKVESLEQEAANERQQLVETHMARVEAMLNDRRRLALENYITAL
QAVPPRPRHVFNMLKKYVRAEQKDRQHTLKHFEHVRMVDPKKAAQIRSQVMTHLRVIYERMNQSLSLLYNVPAVAEEIQD
EVDELLQKEQNYSDDVLANMISEPRISYGNDALMPSLTETKTTVELLPVNGEFSLDDLQPWHSFGADSVPANTENEVEPV
DARPAADRGLTTRPGSGLTNIKTEEISEVKMDAEFRHDSGYEVHHQKLVFFAEDVGSNKGAIIGLMVGGVVIATVIVITL
VMLKKKQYTSIHHGVVEVDAAVTPEERHLSKMQQNGYENPTYKFFEQMQN
;
_struct_ref.pdbx_db_isoform            ? 
# 
_struct_ref_seq.align_id                      1 
_struct_ref_seq.ref_id                        1 
_struct_ref_seq.pdbx_PDB_id_code              1AMB 
_struct_ref_seq.pdbx_strand_id                A 
_struct_ref_seq.seq_align_beg                 1 
_struct_ref_seq.pdbx_seq_align_beg_ins_code   ? 
_struct_ref_seq.seq_align_end                 28 
_struct_ref_seq.pdbx_seq_align_end_ins_code   ? 
_struct_ref_seq.pdbx_db_accession             P05067 
_struct_ref_seq.db_align_beg                  672 
_struct_ref_seq.pdbx_db_align_beg_ins_code    ? 
_struct_ref_seq.db_align_end                  699 
_struct_ref_seq.pdbx_db_align_end_ins_code    ? 
_struct_ref_seq.pdbx_auth_seq_align_beg       1 
_struct_ref_seq.pdbx_auth_seq_align_end       28 
# 
_pdbx_struct_assembly.id                   1 
_pdbx_struct_assembly.details              author_defined_assembly 
_pdbx_struct_assembly.method_details       ? 
_pdbx_struct_assembly.oligomeric_details   monomeric 
_pdbx_struct_assembly.oligomeric_count     1 
# 
_pdbx_struct_assembly_gen.assembly_id       1 
_pdbx_struct_assembly_gen.oper_expression   1 
_pdbx_struct_assembly_gen.asym_id_list      A 
# 
_pdbx_struct_oper_list.id                   1 
_pdbx_struct_oper_list.type                 'identity operation' 
_pdbx_struct_oper_list.name                 1_555 
_pdbx_struct_oper_list.symmetry_operation   x,y,z 
_pdbx_struct_oper_list.matrix[1][1]         1.0000000000 
_pdbx_struct_oper_list.matrix[1][2]         0.0000000000 
_pdbx_struct_oper_list.matrix[1][3]         0.0000000000 
_pdbx_struct_oper_list.vector[1]            0.0000000000 
_pdbx_struct_oper_list.matrix[2][1]         0.0000000000 
_pdbx_struct_oper_list.matrix[2][2]         1.0000000000 
_pdbx_struct_oper_list.matrix[2][3]         0.0000000000 
_pdbx_struct_oper_list.vector[2]            0.0000000000 
_pdbx_struct_oper_list.matrix[3][1]         0.0000000000 
_pdbx_struct_oper_list.matrix[3][2]         0.0000000000 
_pdbx_struct_oper_list.matrix[3][3]         1.0000000000 
_pdbx_struct_oper_list.vector[3]            0.0000000000 
# 
_struct_biol.id   1 
# 
_struct_conf.conf_type_id            HELX_P 
_struct_conf.id                      HELX_P1 
_struct_conf.pdbx_PDB_helix_id       H1 
_struct_conf.beg_label_comp_id       PHE 
_struct_conf.beg_label_asym_id       A 
_struct_conf.beg_label_seq_id        4 
_struct_conf.pdbx_beg_PDB_ins_code   ? 
_struct_conf.end_label_comp_id       GLY 
_struct_conf.end_label_asym_id       A 
_struct_conf.end_label_seq_id        25 
_struct_conf.pdbx_end_PDB_ins_code   ? 
_struct_conf.beg_auth_comp_id        PHE 
_struct_conf.beg_auth_asym_id        A 
_struct_conf.beg_auth_seq_id         4 
_struct_conf.end_auth_comp_id        GLY 
_struct_conf.end_auth_asym_id        A 
_struct_conf.end_auth_seq_id         25 
_struct_conf.pdbx_PDB_helix_class    1 
_struct_conf.details                 'MOST DEFINED HELICAL REGION' 
_struct_conf.pdbx_PDB_helix_length   22 
# 
_struct_conf_type.id          HELX_P 
_struct_conf_type.criteria    ? 
_struct_conf_type.reference   ? 
# 
loop_
_pdbx_validate_torsion.id 
_pdbx_validate_torsion.PDB_model_num 
_pdbx_validate_torsion.auth_comp_id 
_pdbx_validate_torsion.auth_asym_id 
_pdbx_validate_torsion.auth_seq_id 
_pdbx_validate_torsion.PDB_ins_code 
_pdbx_validate_torsion.label_alt_id 
_pdbx_validate_torsion.phi 
_pdbx_validate_torsion.psi 
1 1 HIS A 6  ? ? -76.41  -70.06 
2 1 ASN A 27 ? ? -108.32 51.47  
# 
_pdbx_nmr_ensemble.entry_id                             1AMB 
_pdbx_nmr_ensemble.conformers_calculated_total_number   ? 
_pdbx_nmr_ensemble.conformers_submitted_total_number    1 
_pdbx_nmr_ensemble.conformer_selection_criteria         ? 
# 
loop_
_pdbx_nmr_software.classification 
_pdbx_nmr_software.name 
_pdbx_nmr_software.version 
_pdbx_nmr_software.authors 
_pdbx_nmr_software.ordinal 
refinement X-PLOR                                              3.0 BRUNGER                                   1 
refinement 'GENERATE,DGSA,ACCEPT,AVERAGE,AND REFINE PROTOCOLS' ?   NILGES,GRONENBORN,BRUNGER,CLORE,KUSZEWSKI 2 
# 
loop_
_chem_comp_atom.comp_id 
_chem_comp_atom.atom_id 
_chem_comp_atom.type_symbol 
_chem_comp_atom.pdbx_aromatic_flag 
_chem_comp_atom.pdbx_stereo_config 
_chem_comp_atom.pdbx_ordinal 
ALA N    N N N 1   
ALA CA   C N S 2   
ALA C    C N N 3   
ALA O    O N N 4   
ALA CB   C N N 5   
ALA OXT  O N N 6   
ALA H    H N N 7   
ALA H2   H N N 8   
ALA HA   H N N 9   
ALA HB1  H N N 10  
ALA HB2  H N N 11  
ALA HB3  H N N 12  
ALA HXT  H N N 13  
ARG N    N N N 14  
ARG CA   C N S 15  
ARG C    C N N 16  
ARG O    O N N 17  
ARG CB   C N N 18  
ARG CG   C N N 19  
ARG CD   C N N 20  
ARG NE   N N N 21  
ARG CZ   C N N 22  
ARG NH1  N N N 23  
ARG NH2  N N N 24  
ARG OXT  O N N 25  
ARG H    H N N 26  
ARG H2   H N N 27  
ARG HA   H N N 28  
ARG HB2  H N N 29  
ARG HB3  H N N 30  
ARG HG2  H N N 31  
ARG HG3  H N N 32  
ARG HD2  H N N 33  
ARG HD3  H N N 34  
ARG HE   H N N 35  
ARG HH11 H N N 36  
ARG HH12 H N N 37  
ARG HH21 H N N 38  
ARG HH22 H N N 39  
ARG HXT  H N N 40  
ASN N    N N N 41  
ASN CA   C N S 42  
ASN C    C N N 43  
ASN O    O N N 44  
ASN CB   C N N 45  
ASN CG   C N N 46  
ASN OD1  O N N 47  
ASN ND2  N N N 48  
ASN OXT  O N N 49  
ASN H    H N N 50  
ASN H2   H N N 51  
ASN HA   H N N 52  
ASN HB2  H N N 53  
ASN HB3  H N N 54  
ASN HD21 H N N 55  
ASN HD22 H N N 56  
ASN HXT  H N N 57  
ASP N    N N N 58  
ASP CA   C N S 59  
ASP C    C N N 60  
ASP O    O N N 61  
ASP CB   C N N 62  
ASP CG   C N N 63  
ASP OD1  O N N 64  
ASP OD2  O N N 65  
ASP OXT  O N N 66  
ASP H    H N N 67  
ASP H2   H N N 68  
ASP HA   H N N 69  
ASP HB2  H N N 70  
ASP HB3  H N N 71  
ASP HD2  H N N 72  
ASP HXT  H N N 73  
GLN N    N N N 74  
GLN CA   C N S 75  
GLN C    C N N 76  
GLN O    O N N 77  
GLN CB   C N N 78  
GLN CG   C N N 79  
GLN CD   C N N 80  
GLN OE1  O N N 81  
GLN NE2  N N N 82  
GLN OXT  O N N 83  
GLN H    H N N 84  
GLN H2   H N N 85  
GLN HA   H N N 86  
GLN HB2  H N N 87  
GLN HB3  H N N 88  
GLN HG2  H N N 89  
GLN HG3  H N N 90  
GLN HE21 H N N 91  
GLN HE22 H N N 92  
GLN HXT  H N N 93  
GLU N    N N N 94  
GLU CA   C N S 95  
GLU C    C N N 96  
GLU O    O N N 97  
GLU CB   C N N 98  
GLU CG   C N N 99  
GLU CD   C N N 100 
GLU OE1  O N N 101 
GLU OE2  O N N 102 
GLU OXT  O N N 103 
GLU H    H N N 104 
GLU H2   H N N 105 
GLU HA   H N N 106 
GLU HB2  H N N 107 
GLU HB3  H N N 108 
GLU HG2  H N N 109 
GLU HG3  H N N 110 
GLU HE2  H N N 111 
GLU HXT  H N N 112 
GLY N    N N N 113 
GLY CA   C N N 114 
GLY C    C N N 115 
GLY O    O N N 116 
GLY OXT  O N N 117 
GLY H    H N N 118 
GLY H2   H N N 119 
GLY HA2  H N N 120 
GLY HA3  H N N 121 
GLY HXT  H N N 122 
HIS N    N N N 123 
HIS CA   C N S 124 
HIS C    C N N 125 
HIS O    O N N 126 
HIS CB   C N N 127 
HIS CG   C Y N 128 
HIS ND1  N Y N 129 
HIS CD2  C Y N 130 
HIS CE1  C Y N 131 
HIS NE2  N Y N 132 
HIS OXT  O N N 133 
HIS H    H N N 134 
HIS H2   H N N 135 
HIS HA   H N N 136 
HIS HB2  H N N 137 
HIS HB3  H N N 138 
HIS HD1  H N N 139 
HIS HD2  H N N 140 
HIS HE1  H N N 141 
HIS HE2  H N N 142 
HIS HXT  H N N 143 
LEU N    N N N 144 
LEU CA   C N S 145 
LEU C    C N N 146 
LEU O    O N N 147 
LEU CB   C N N 148 
LEU CG   C N N 149 
LEU CD1  C N N 150 
LEU CD2  C N N 151 
LEU OXT  O N N 152 
LEU H    H N N 153 
LEU H2   H N N 154 
LEU HA   H N N 155 
LEU HB2  H N N 156 
LEU HB3  H N N 157 
LEU HG   H N N 158 
LEU HD11 H N N 159 
LEU HD12 H N N 160 
LEU HD13 H N N 161 
LEU HD21 H N N 162 
LEU HD22 H N N 163 
LEU HD23 H N N 164 
LEU HXT  H N N 165 
LYS N    N N N 166 
LYS CA   C N S 167 
LYS C    C N N 168 
LYS O    O N N 169 
LYS CB   C N N 170 
LYS CG   C N N 171 
LYS CD   C N N 172 
LYS CE   C N N 173 
LYS NZ   N N N 174 
LYS OXT  O N N 175 
LYS H    H N N 176 
LYS H2   H N N 177 
LYS HA   H N N 178 
LYS HB2  H N N 179 
LYS HB3  H N N 180 
LYS HG2  H N N 181 
LYS HG3  H N N 182 
LYS HD2  H N N 183 
LYS HD3  H N N 184 
LYS HE2  H N N 185 
LYS HE3  H N N 186 
LYS HZ1  H N N 187 
LYS HZ2  H N N 188 
LYS HZ3  H N N 189 
LYS HXT  H N N 190 
PHE N    N N N 191 
PHE CA   C N S 192 
PHE C    C N N 193 
PHE O    O N N 194 
PHE CB   C N N 195 
PHE CG   C Y N 196 
PHE CD1  C Y N 197 
PHE CD2  C Y N 198 
PHE CE1  C Y N 199 
PHE CE2  C Y N 200 
PHE CZ   C Y N 201 
PHE OXT  O N N 202 
PHE H    H N N 203 
PHE H2   H N N 204 
PHE HA   H N N 205 
PHE HB2  H N N 206 
PHE HB3  H N N 207 
PHE HD1  H N N 208 
PHE HD2  H N N 209 
PHE HE1  H N N 210 
PHE HE2  H N N 211 
PHE HZ   H N N 212 
PHE HXT  H N N 213 
SER N    N N N 214 
SER CA   C N S 215 
SER C    C N N 216 
SER O    O N N 217 
SER CB   C N N 218 
SER OG   O N N 219 
SER OXT  O N N 220 
SER H    H N N 221 
SER H2   H N N 222 
SER HA   H N N 223 
SER HB2  H N N 224 
SER HB3  H N N 225 
SER HG   H N N 226 
SER HXT  H N N 227 
TYR N    N N N 228 
TYR CA   C N S 229 
TYR C    C N N 230 
TYR O    O N N 231 
TYR CB   C N N 232 
TYR CG   C Y N 233 
TYR CD1  C Y N 234 
TYR CD2  C Y N 235 
TYR CE1  C Y N 236 
TYR CE2  C Y N 237 
TYR CZ   C Y N 238 
TYR OH   O N N 239 
TYR OXT  O N N 240 
TYR H    H N N 241 
TYR H2   H N N 242 
TYR HA   H N N 243 
TYR HB2  H N N 244 
TYR HB3  H N N 245 
TYR HD1  H N N 246 
TYR HD2  H N N 247 
TYR HE1  H N N 248 
TYR HE2  H N N 249 
TYR HH   H N N 250 
TYR HXT  H N N 251 
VAL N    N N N 252 
VAL CA   C N S 253 
VAL C    C N N 254 
VAL O    O N N 255 
VAL CB   C N N 256 
VAL CG1  C N N 257 
VAL CG2  C N N 258 
VAL OXT  O N N 259 
VAL H    H N N 260 
VAL H2   H N N 261 
VAL HA   H N N 262 
VAL HB   H N N 263 
VAL HG11 H N N 264 
VAL HG12 H N N 265 
VAL HG13 H N N 266 
VAL HG21 H N N 267 
VAL HG22 H N N 268 
VAL HG23 H N N 269 
VAL HXT  H N N 270 
# 
loop_
_chem_comp_bond.comp_id 
_chem_comp_bond.atom_id_1 
_chem_comp_bond.atom_id_2 
_chem_comp_bond.value_order 
_chem_comp_bond.pdbx_aromatic_flag 
_chem_comp_bond.pdbx_stereo_config 
_chem_comp_bond.pdbx_ordinal 
ALA N   CA   sing N N 1   
ALA N   H    sing N N 2   
ALA N   H2   sing N N 3   
ALA CA  C    sing N N 4   
ALA CA  CB   sing N N 5   
ALA CA  HA   sing N N 6   
ALA C   O    doub N N 7   
ALA C   OXT  sing N N 8   
ALA CB  HB1  sing N N 9   
ALA CB  HB2  sing N N 10  
ALA CB  HB3  sing N N 11  
ALA OXT HXT  sing N N 12  
ARG N   CA   sing N N 13  
ARG N   H    sing N N 14  
ARG N   H2   sing N N 15  
ARG CA  C    sing N N 16  
ARG CA  CB   sing N N 17  
ARG CA  HA   sing N N 18  
ARG C   O    doub N N 19  
ARG C   OXT  sing N N 20  
ARG CB  CG   sing N N 21  
ARG CB  HB2  sing N N 22  
ARG CB  HB3  sing N N 23  
ARG CG  CD   sing N N 24  
ARG CG  HG2  sing N N 25  
ARG CG  HG3  sing N N 26  
ARG CD  NE   sing N N 27  
ARG CD  HD2  sing N N 28  
ARG CD  HD3  sing N N 29  
ARG NE  CZ   sing N N 30  
ARG NE  HE   sing N N 31  
ARG CZ  NH1  sing N N 32  
ARG CZ  NH2  doub N N 33  
ARG NH1 HH11 sing N N 34  
ARG NH1 HH12 sing N N 35  
ARG NH2 HH21 sing N N 36  
ARG NH2 HH22 sing N N 37  
ARG OXT HXT  sing N N 38  
ASN N   CA   sing N N 39  
ASN N   H    sing N N 40  
ASN N   H2   sing N N 41  
ASN CA  C    sing N N 42  
ASN CA  CB   sing N N 43  
ASN CA  HA   sing N N 44  
ASN C   O    doub N N 45  
ASN C   OXT  sing N N 46  
ASN CB  CG   sing N N 47  
ASN CB  HB2  sing N N 48  
ASN CB  HB3  sing N N 49  
ASN CG  OD1  doub N N 50  
ASN CG  ND2  sing N N 51  
ASN ND2 HD21 sing N N 52  
ASN ND2 HD22 sing N N 53  
ASN OXT HXT  sing N N 54  
ASP N   CA   sing N N 55  
ASP N   H    sing N N 56  
ASP N   H2   sing N N 57  
ASP CA  C    sing N N 58  
ASP CA  CB   sing N N 59  
ASP CA  HA   sing N N 60  
ASP C   O    doub N N 61  
ASP C   OXT  sing N N 62  
ASP CB  CG   sing N N 63  
ASP CB  HB2  sing N N 64  
ASP CB  HB3  sing N N 65  
ASP CG  OD1  doub N N 66  
ASP CG  OD2  sing N N 67  
ASP OD2 HD2  sing N N 68  
ASP OXT HXT  sing N N 69  
GLN N   CA   sing N N 70  
GLN N   H    sing N N 71  
GLN N   H2   sing N N 72  
GLN CA  C    sing N N 73  
GLN CA  CB   sing N N 74  
GLN CA  HA   sing N N 75  
GLN C   O    doub N N 76  
GLN C   OXT  sing N N 77  
GLN CB  CG   sing N N 78  
GLN CB  HB2  sing N N 79  
GLN CB  HB3  sing N N 80  
GLN CG  CD   sing N N 81  
GLN CG  HG2  sing N N 82  
GLN CG  HG3  sing N N 83  
GLN CD  OE1  doub N N 84  
GLN CD  NE2  sing N N 85  
GLN NE2 HE21 sing N N 86  
GLN NE2 HE22 sing N N 87  
GLN OXT HXT  sing N N 88  
GLU N   CA   sing N N 89  
GLU N   H    sing N N 90  
GLU N   H2   sing N N 91  
GLU CA  C    sing N N 92  
GLU CA  CB   sing N N 93  
GLU CA  HA   sing N N 94  
GLU C   O    doub N N 95  
GLU C   OXT  sing N N 96  
GLU CB  CG   sing N N 97  
GLU CB  HB2  sing N N 98  
GLU CB  HB3  sing N N 99  
GLU CG  CD   sing N N 100 
GLU CG  HG2  sing N N 101 
GLU CG  HG3  sing N N 102 
GLU CD  OE1  doub N N 103 
GLU CD  OE2  sing N N 104 
GLU OE2 HE2  sing N N 105 
GLU OXT HXT  sing N N 106 
GLY N   CA   sing N N 107 
GLY N   H    sing N N 108 
GLY N   H2   sing N N 109 
GLY CA  C    sing N N 110 
GLY CA  HA2  sing N N 111 
GLY CA  HA3  sing N N 112 
GLY C   O    doub N N 113 
GLY C   OXT  sing N N 114 
GLY OXT HXT  sing N N 115 
HIS N   CA   sing N N 116 
HIS N   H    sing N N 117 
HIS N   H2   sing N N 118 
HIS CA  C    sing N N 119 
HIS CA  CB   sing N N 120 
HIS CA  HA   sing N N 121 
HIS C   O    doub N N 122 
HIS C   OXT  sing N N 123 
HIS CB  CG   sing N N 124 
HIS CB  HB2  sing N N 125 
HIS CB  HB3  sing N N 126 
HIS CG  ND1  sing Y N 127 
HIS CG  CD2  doub Y N 128 
HIS ND1 CE1  doub Y N 129 
HIS ND1 HD1  sing N N 130 
HIS CD2 NE2  sing Y N 131 
HIS CD2 HD2  sing N N 132 
HIS CE1 NE2  sing Y N 133 
HIS CE1 HE1  sing N N 134 
HIS NE2 HE2  sing N N 135 
HIS OXT HXT  sing N N 136 
LEU N   CA   sing N N 137 
LEU N   H    sing N N 138 
LEU N   H2   sing N N 139 
LEU CA  C    sing N N 140 
LEU CA  CB   sing N N 141 
LEU CA  HA   sing N N 142 
LEU C   O    doub N N 143 
LEU C   OXT  sing N N 144 
LEU CB  CG   sing N N 145 
LEU CB  HB2  sing N N 146 
LEU CB  HB3  sing N N 147 
LEU CG  CD1  sing N N 148 
LEU CG  CD2  sing N N 149 
LEU CG  HG   sing N N 150 
LEU CD1 HD11 sing N N 151 
LEU CD1 HD12 sing N N 152 
LEU CD1 HD13 sing N N 153 
LEU CD2 HD21 sing N N 154 
LEU CD2 HD22 sing N N 155 
LEU CD2 HD23 sing N N 156 
LEU OXT HXT  sing N N 157 
LYS N   CA   sing N N 158 
LYS N   H    sing N N 159 
LYS N   H2   sing N N 160 
LYS CA  C    sing N N 161 
LYS CA  CB   sing N N 162 
LYS CA  HA   sing N N 163 
LYS C   O    doub N N 164 
LYS C   OXT  sing N N 165 
LYS CB  CG   sing N N 166 
LYS CB  HB2  sing N N 167 
LYS CB  HB3  sing N N 168 
LYS CG  CD   sing N N 169 
LYS CG  HG2  sing N N 170 
LYS CG  HG3  sing N N 171 
LYS CD  CE   sing N N 172 
LYS CD  HD2  sing N N 173 
LYS CD  HD3  sing N N 174 
LYS CE  NZ   sing N N 175 
LYS CE  HE2  sing N N 176 
LYS CE  HE3  sing N N 177 
LYS NZ  HZ1  sing N N 178 
LYS NZ  HZ2  sing N N 179 
LYS NZ  HZ3  sing N N 180 
LYS OXT HXT  sing N N 181 
PHE N   CA   sing N N 182 
PHE N   H    sing N N 183 
PHE N   H2   sing N N 184 
PHE CA  C    sing N N 185 
PHE CA  CB   sing N N 186 
PHE CA  HA   sing N N 187 
PHE C   O    doub N N 188 
PHE C   OXT  sing N N 189 
PHE CB  CG   sing N N 190 
PHE CB  HB2  sing N N 191 
PHE CB  HB3  sing N N 192 
PHE CG  CD1  doub Y N 193 
PHE CG  CD2  sing Y N 194 
PHE CD1 CE1  sing Y N 195 
PHE CD1 HD1  sing N N 196 
PHE CD2 CE2  doub Y N 197 
PHE CD2 HD2  sing N N 198 
PHE CE1 CZ   doub Y N 199 
PHE CE1 HE1  sing N N 200 
PHE CE2 CZ   sing Y N 201 
PHE CE2 HE2  sing N N 202 
PHE CZ  HZ   sing N N 203 
PHE OXT HXT  sing N N 204 
SER N   CA   sing N N 205 
SER N   H    sing N N 206 
SER N   H2   sing N N 207 
SER CA  C    sing N N 208 
SER CA  CB   sing N N 209 
SER CA  HA   sing N N 210 
SER C   O    doub N N 211 
SER C   OXT  sing N N 212 
SER CB  OG   sing N N 213 
SER CB  HB2  sing N N 214 
SER CB  HB3  sing N N 215 
SER OG  HG   sing N N 216 
SER OXT HXT  sing N N 217 
TYR N   CA   sing N N 218 
TYR N   H    sing N N 219 
TYR N   H2   sing N N 220 
TYR CA  C    sing N N 221 
TYR CA  CB   sing N N 222 
TYR CA  HA   sing N N 223 
TYR C   O    doub N N 224 
TYR C   OXT  sing N N 225 
TYR CB  CG   sing N N 226 
TYR CB  HB2  sing N N 227 
TYR CB  HB3  sing N N 228 
TYR CG  CD1  doub Y N 229 
TYR CG  CD2  sing Y N 230 
TYR CD1 CE1  sing Y N 231 
TYR CD1 HD1  sing N N 232 
TYR CD2 CE2  doub Y N 233 
TYR CD2 HD2  sing N N 234 
TYR CE1 CZ   doub Y N 235 
TYR CE1 HE1  sing N N 236 
TYR CE2 CZ   sing Y N 237 
TYR CE2 HE2  sing N N 238 
TYR CZ  OH   sing N N 239 
TYR OH  HH   sing N N 240 
TYR OXT HXT  sing N N 241 
VAL N   CA   sing N N 242 
VAL N   H    sing N N 243 
VAL N   H2   sing N N 244 
VAL CA  C    sing N N 245 
VAL CA  CB   sing N N 246 
VAL CA  HA   sing N N 247 
VAL C   O    doub N N 248 
VAL C   OXT  sing N N 249 
VAL CB  CG1  sing N N 250 
VAL CB  CG2  sing N N 251 
VAL CB  HB   sing N N 252 
VAL CG1 HG11 sing N N 253 
VAL CG1 HG12 sing N N 254 
VAL CG1 HG13 sing N N 255 
VAL CG2 HG21 sing N N 256 
VAL CG2 HG22 sing N N 257 
VAL CG2 HG23 sing N N 258 
VAL OXT HXT  sing N N 259 
# 
_atom_sites.entry_id                    1AMB 
_atom_sites.fract_transf_matrix[1][1]   1.000000 
_atom_sites.fract_transf_matrix[1][2]   0.000000 
_atom_sites.fract_transf_matrix[1][3]   0.000000 
_atom_sites.fract_transf_matrix[2][1]   0.000000 
_atom_sites.fract_transf_matrix[2][2]   1.000000 
_atom_sites.fract_transf_matrix[2][3]   0.000000 
_atom_sites.fract_transf_matrix[3][1]   0.000000 
_atom_sites.fract_transf_matrix[3][2]   0.000000 
_atom_sites.fract_transf_matrix[3][3]   1.000000 
_atom_sites.fract_transf_vector[1]      0.00000 
_atom_sites.fract_transf_vector[2]      0.00000 
_atom_sites.fract_transf_vector[3]      0.00000 
# 
loop_
_atom_type.symbol 
C 
H 
N 
O 
# 
loop_
_atom_site.group_PDB 
_atom_site.id 
_atom_site.type_symbol 
_atom_site.label_atom_id 
_atom_site.label_alt_id 
_atom_site.label_comp_id 
_atom_site.label_asym_id 
_atom_site.label_entity_id 
_atom_site.label_seq_id 
_atom_site.pdbx_PDB_ins_code 
_atom_site.Cartn_x 
_atom_site.Cartn_y 
_atom_site.Cartn_z 
_atom_site.occupancy 
_atom_site.B_iso_or_equiv 
_atom_site.pdbx_formal_charge 
_atom_site.auth_seq_id 
_atom_site.auth_comp_id 
_atom_site.auth_asym_id 
_atom_site.auth_atom_id 
_atom_site.pdbx_PDB_model_num 
ATOM 1   N N    . ASP A 1 1  ? 18.467  2.032  -8.199  1.00 1.74 ? 1  ASP A N    1 
ATOM 2   C CA   . ASP A 1 1  ? 17.365  1.524  -9.064  1.00 1.20 ? 1  ASP A CA   1 
ATOM 3   C C    . ASP A 1 1  ? 16.482  0.571  -8.258  1.00 0.95 ? 1  ASP A C    1 
ATOM 4   O O    . ASP A 1 1  ? 15.326  0.846  -8.004  1.00 0.94 ? 1  ASP A O    1 
ATOM 5   C CB   . ASP A 1 1  ? 17.958  0.780  -10.262 1.00 2.16 ? 1  ASP A CB   1 
ATOM 6   C CG   . ASP A 1 1  ? 16.847  0.031  -11.000 1.00 2.77 ? 1  ASP A CG   1 
ATOM 7   O OD1  . ASP A 1 1  ? 16.140  0.665  -11.766 1.00 3.39 ? 1  ASP A OD1  1 
ATOM 8   O OD2  . ASP A 1 1  ? 16.721  -1.163 -10.785 1.00 3.18 ? 1  ASP A OD2  1 
ATOM 9   H H1   . ASP A 1 1  ? 18.214  1.895  -7.199  1.00 2.24 ? 1  ASP A H1   1 
ATOM 10  H H2   . ASP A 1 1  ? 19.342  1.512  -8.410  1.00 2.26 ? 1  ASP A H2   1 
ATOM 11  H H3   . ASP A 1 1  ? 18.615  3.045  -8.384  1.00 2.14 ? 1  ASP A H3   1 
ATOM 12  H HA   . ASP A 1 1  ? 16.771  2.356  -9.415  1.00 1.56 ? 1  ASP A HA   1 
ATOM 13  H HB2  . ASP A 1 1  ? 18.423  1.489  -10.932 1.00 2.62 ? 1  ASP A HB2  1 
ATOM 14  H HB3  . ASP A 1 1  ? 18.697  0.073  -9.916  1.00 2.71 ? 1  ASP A HB3  1 
ATOM 15  N N    . ALA A 1 2  ? 17.016  -0.548 -7.852  1.00 0.85 ? 2  ALA A N    1 
ATOM 16  C CA   . ALA A 1 2  ? 16.208  -1.518 -7.063  1.00 0.76 ? 2  ALA A CA   1 
ATOM 17  C C    . ALA A 1 2  ? 15.732  -0.853 -5.769  1.00 0.57 ? 2  ALA A C    1 
ATOM 18  O O    . ALA A 1 2  ? 14.550  -0.685 -5.545  1.00 0.50 ? 2  ALA A O    1 
ATOM 19  C CB   . ALA A 1 2  ? 17.069  -2.735 -6.724  1.00 0.94 ? 2  ALA A CB   1 
ATOM 20  H H    . ALA A 1 2  ? 17.950  -0.752 -8.066  1.00 0.92 ? 2  ALA A H    1 
ATOM 21  H HA   . ALA A 1 2  ? 15.353  -1.832 -7.643  1.00 0.85 ? 2  ALA A HA   1 
ATOM 22  H HB1  . ALA A 1 2  ? 18.085  -2.556 -7.044  1.00 1.40 ? 2  ALA A HB1  1 
ATOM 23  H HB2  . ALA A 1 2  ? 17.051  -2.904 -5.659  1.00 1.40 ? 2  ALA A HB2  1 
ATOM 24  H HB3  . ALA A 1 2  ? 16.680  -3.603 -7.234  1.00 1.43 ? 2  ALA A HB3  1 
ATOM 25  N N    . GLU A 1 3  ? 16.644  -0.473 -4.917  1.00 0.58 ? 3  GLU A N    1 
ATOM 26  C CA   . GLU A 1 3  ? 16.242  0.180  -3.640  1.00 0.57 ? 3  GLU A CA   1 
ATOM 27  C C    . GLU A 1 3  ? 15.336  1.377  -3.929  1.00 0.50 ? 3  GLU A C    1 
ATOM 28  O O    . GLU A 1 3  ? 14.462  1.707  -3.152  1.00 0.51 ? 3  GLU A O    1 
ATOM 29  C CB   . GLU A 1 3  ? 17.477  0.645  -2.897  1.00 0.80 ? 3  GLU A CB   1 
ATOM 30  C CG   . GLU A 1 3  ? 18.276  1.617  -3.767  1.00 0.91 ? 3  GLU A CG   1 
ATOM 31  C CD   . GLU A 1 3  ? 19.201  2.453  -2.881  1.00 1.54 ? 3  GLU A CD   1 
ATOM 32  O OE1  . GLU A 1 3  ? 19.060  2.377  -1.672  1.00 2.12 ? 3  GLU A OE1  1 
ATOM 33  O OE2  . GLU A 1 3  ? 20.035  3.157  -3.428  1.00 2.19 ? 3  GLU A OE2  1 
ATOM 34  H H    . GLU A 1 3  ? 17.592  -0.618 -5.116  1.00 0.69 ? 3  GLU A H    1 
ATOM 35  H HA   . GLU A 1 3  ? 15.724  -0.525 -3.021  1.00 0.57 ? 3  GLU A HA   1 
ATOM 36  H HB2  . GLU A 1 3  ? 17.172  1.131  -1.987  1.00 0.88 ? 3  GLU A HB2  1 
ATOM 37  H HB3  . GLU A 1 3  ? 18.081  -0.211 -2.660  1.00 0.87 ? 3  GLU A HB3  1 
ATOM 38  H HG2  . GLU A 1 3  ? 18.865  1.060  -4.481  1.00 1.16 ? 3  GLU A HG2  1 
ATOM 39  H HG3  . GLU A 1 3  ? 17.597  2.271  -4.293  1.00 1.13 ? 3  GLU A HG3  1 
ATOM 40  N N    . PHE A 1 4  ? 15.537  2.030  -5.041  1.00 0.53 ? 4  PHE A N    1 
ATOM 41  C CA   . PHE A 1 4  ? 14.686  3.205  -5.377  1.00 0.62 ? 4  PHE A CA   1 
ATOM 42  C C    . PHE A 1 4  ? 13.226  2.767  -5.498  1.00 0.46 ? 4  PHE A C    1 
ATOM 43  O O    . PHE A 1 4  ? 12.385  3.150  -4.706  1.00 0.42 ? 4  PHE A O    1 
ATOM 44  C CB   . PHE A 1 4  ? 15.148  3.807  -6.697  1.00 0.84 ? 4  PHE A CB   1 
ATOM 45  C CG   . PHE A 1 4  ? 15.570  5.230  -6.446  1.00 1.11 ? 4  PHE A CG   1 
ATOM 46  C CD1  . PHE A 1 4  ? 16.706  5.495  -5.673  1.00 1.79 ? 4  PHE A CD1  1 
ATOM 47  C CD2  . PHE A 1 4  ? 14.821  6.283  -6.979  1.00 1.67 ? 4  PHE A CD2  1 
ATOM 48  C CE1  . PHE A 1 4  ? 17.097  6.819  -5.437  1.00 2.02 ? 4  PHE A CE1  1 
ATOM 49  C CE2  . PHE A 1 4  ? 15.212  7.607  -6.746  1.00 1.89 ? 4  PHE A CE2  1 
ATOM 50  C CZ   . PHE A 1 4  ? 16.350  7.875  -5.976  1.00 1.69 ? 4  PHE A CZ   1 
ATOM 51  H H    . PHE A 1 4  ? 16.247  1.747  -5.653  1.00 0.56 ? 4  PHE A H    1 
ATOM 52  H HA   . PHE A 1 4  ? 14.778  3.953  -4.604  1.00 0.74 ? 4  PHE A HA   1 
ATOM 53  H HB2  . PHE A 1 4  ? 15.984  3.241  -7.082  1.00 0.84 ? 4  PHE A HB2  1 
ATOM 54  H HB3  . PHE A 1 4  ? 14.338  3.791  -7.409  1.00 0.86 ? 4  PHE A HB3  1 
ATOM 55  H HD1  . PHE A 1 4  ? 17.278  4.677  -5.255  1.00 2.49 ? 4  PHE A HD1  1 
ATOM 56  H HD2  . PHE A 1 4  ? 13.942  6.072  -7.570  1.00 2.35 ? 4  PHE A HD2  1 
ATOM 57  H HE1  . PHE A 1 4  ? 17.974  7.025  -4.843  1.00 2.79 ? 4  PHE A HE1  1 
ATOM 58  H HE2  . PHE A 1 4  ? 14.634  8.421  -7.159  1.00 2.61 ? 4  PHE A HE2  1 
ATOM 59  H HZ   . PHE A 1 4  ? 16.652  8.896  -5.794  1.00 1.93 ? 4  PHE A HZ   1 
ATOM 60  N N    . ARG A 1 5  ? 12.915  1.966  -6.481  1.00 0.47 ? 5  ARG A N    1 
ATOM 61  C CA   . ARG A 1 5  ? 11.507  1.507  -6.647  1.00 0.49 ? 5  ARG A CA   1 
ATOM 62  C C    . ARG A 1 5  ? 11.130  0.576  -5.499  1.00 0.36 ? 5  ARG A C    1 
ATOM 63  O O    . ARG A 1 5  ? 9.987   0.195  -5.340  1.00 0.45 ? 5  ARG A O    1 
ATOM 64  C CB   . ARG A 1 5  ? 11.355  0.771  -7.981  1.00 0.66 ? 5  ARG A CB   1 
ATOM 65  C CG   . ARG A 1 5  ? 12.038  1.557  -9.088  1.00 1.19 ? 5  ARG A CG   1 
ATOM 66  C CD   . ARG A 1 5  ? 11.834  0.799  -10.384 1.00 1.31 ? 5  ARG A CD   1 
ATOM 67  N NE   . ARG A 1 5  ? 12.410  1.571  -11.521 1.00 2.27 ? 5  ARG A NE   1 
ATOM 68  C CZ   . ARG A 1 5  ? 12.616  0.990  -12.672 1.00 2.91 ? 5  ARG A CZ   1 
ATOM 69  N NH1  . ARG A 1 5  ? 12.318  -0.271 -12.834 1.00 3.06 ? 5  ARG A NH1  1 
ATOM 70  N NH2  . ARG A 1 5  ? 13.121  1.672  -13.664 1.00 3.80 ? 5  ARG A NH2  1 
ATOM 71  H H    . ARG A 1 5  ? 13.606  1.668  -7.109  1.00 0.53 ? 5  ARG A H    1 
ATOM 72  H HA   . ARG A 1 5  ? 10.859  2.360  -6.631  1.00 0.56 ? 5  ARG A HA   1 
ATOM 73  H HB2  . ARG A 1 5  ? 11.807  -0.205 -7.915  1.00 0.97 ? 5  ARG A HB2  1 
ATOM 74  H HB3  . ARG A 1 5  ? 10.310  0.663  -8.222  1.00 1.07 ? 5  ARG A HB3  1 
ATOM 75  H HG2  . ARG A 1 5  ? 11.598  2.539  -9.165  1.00 1.62 ? 5  ARG A HG2  1 
ATOM 76  H HG3  . ARG A 1 5  ? 13.093  1.639  -8.885  1.00 1.56 ? 5  ARG A HG3  1 
ATOM 77  H HD2  . ARG A 1 5  ? 12.322  -0.160 -10.308 1.00 1.26 ? 5  ARG A HD2  1 
ATOM 78  H HD3  . ARG A 1 5  ? 10.776  0.653  -10.539 1.00 1.32 ? 5  ARG A HD3  1 
ATOM 79  H HE   . ARG A 1 5  ? 12.635  2.518  -11.404 1.00 2.75 ? 5  ARG A HE   1 
ATOM 80  H HH11 . ARG A 1 5  ? 11.931  -0.796 -12.077 1.00 2.60 ? 5  ARG A HH11 1 
ATOM 81  H HH12 . ARG A 1 5  ? 12.477  -0.711 -13.718 1.00 3.87 ? 5  ARG A HH12 1 
ATOM 82  H HH21 . ARG A 1 5  ? 13.350  2.637  -13.541 1.00 4.04 ? 5  ARG A HH21 1 
ATOM 83  H HH22 . ARG A 1 5  ? 13.280  1.229  -14.546 1.00 4.42 ? 5  ARG A HH22 1 
ATOM 84  N N    . HIS A 1 6  ? 12.082  0.218  -4.692  1.00 0.23 ? 6  HIS A N    1 
ATOM 85  C CA   . HIS A 1 6  ? 11.787  -0.680 -3.542  1.00 0.29 ? 6  HIS A CA   1 
ATOM 86  C C    . HIS A 1 6  ? 11.100  0.134  -2.448  1.00 0.26 ? 6  HIS A C    1 
ATOM 87  O O    . HIS A 1 6  ? 9.925   -0.026 -2.189  1.00 0.32 ? 6  HIS A O    1 
ATOM 88  C CB   . HIS A 1 6  ? 13.091  -1.268 -2.998  1.00 0.37 ? 6  HIS A CB   1 
ATOM 89  C CG   . HIS A 1 6  ? 12.781  -2.464 -2.139  1.00 0.62 ? 6  HIS A CG   1 
ATOM 90  N ND1  . HIS A 1 6  ? 13.250  -3.732 -2.444  1.00 1.00 ? 6  HIS A ND1  1 
ATOM 91  C CD2  . HIS A 1 6  ? 12.052  -2.602 -0.982  1.00 0.67 ? 6  HIS A CD2  1 
ATOM 92  C CE1  . HIS A 1 6  ? 12.803  -4.570 -1.490  1.00 1.19 ? 6  HIS A CE1  1 
ATOM 93  N NE2  . HIS A 1 6  ? 12.067  -3.933 -0.575  1.00 0.98 ? 6  HIS A NE2  1 
ATOM 94  H H    . HIS A 1 6  ? 12.987  0.549  -4.838  1.00 0.23 ? 6  HIS A H    1 
ATOM 95  H HA   . HIS A 1 6  ? 11.134  -1.478 -3.863  1.00 0.42 ? 6  HIS A HA   1 
ATOM 96  H HB2  . HIS A 1 6  ? 13.720  -1.569 -3.822  1.00 0.39 ? 6  HIS A HB2  1 
ATOM 97  H HB3  . HIS A 1 6  ? 13.602  -0.524 -2.407  1.00 0.42 ? 6  HIS A HB3  1 
ATOM 98  H HD1  . HIS A 1 6  ? 13.807  -3.975 -3.213  1.00 1.15 ? 6  HIS A HD1  1 
ATOM 99  H HD2  . HIS A 1 6  ? 11.543  -1.801 -0.466  1.00 0.62 ? 6  HIS A HD2  1 
ATOM 100 H HE1  . HIS A 1 6  ? 13.014  -5.630 -1.468  1.00 1.51 ? 6  HIS A HE1  1 
ATOM 101 N N    . ASP A 1 7  ? 11.823  1.014  -1.811  1.00 0.24 ? 7  ASP A N    1 
ATOM 102 C CA   . ASP A 1 7  ? 11.208  1.847  -0.741  1.00 0.29 ? 7  ASP A CA   1 
ATOM 103 C C    . ASP A 1 7  ? 9.991   2.575  -1.310  1.00 0.25 ? 7  ASP A C    1 
ATOM 104 O O    . ASP A 1 7  ? 8.963   2.679  -0.669  1.00 0.28 ? 7  ASP A O    1 
ATOM 105 C CB   . ASP A 1 7  ? 12.229  2.871  -0.240  1.00 0.36 ? 7  ASP A CB   1 
ATOM 106 C CG   . ASP A 1 7  ? 13.607  2.214  -0.140  1.00 1.44 ? 7  ASP A CG   1 
ATOM 107 O OD1  . ASP A 1 7  ? 13.690  1.145  0.442   1.00 2.26 ? 7  ASP A OD1  1 
ATOM 108 O OD2  . ASP A 1 7  ? 14.555  2.790  -0.646  1.00 2.16 ? 7  ASP A OD2  1 
ATOM 109 H H    . ASP A 1 7  ? 12.768  1.132  -2.042  1.00 0.26 ? 7  ASP A H    1 
ATOM 110 H HA   . ASP A 1 7  ? 10.901  1.213  0.078   1.00 0.36 ? 7  ASP A HA   1 
ATOM 111 H HB2  . ASP A 1 7  ? 12.275  3.701  -0.930  1.00 1.01 ? 7  ASP A HB2  1 
ATOM 112 H HB3  . ASP A 1 7  ? 11.932  3.229  0.734   1.00 0.95 ? 7  ASP A HB3  1 
ATOM 113 N N    . SER A 1 8  ? 10.093  3.076  -2.511  1.00 0.25 ? 8  SER A N    1 
ATOM 114 C CA   . SER A 1 8  ? 8.937   3.791  -3.119  1.00 0.30 ? 8  SER A CA   1 
ATOM 115 C C    . SER A 1 8  ? 7.710   2.878  -3.086  1.00 0.30 ? 8  SER A C    1 
ATOM 116 O O    . SER A 1 8  ? 6.720   3.172  -2.443  1.00 0.31 ? 8  SER A O    1 
ATOM 117 C CB   . SER A 1 8  ? 9.263   4.155  -4.567  1.00 0.36 ? 8  SER A CB   1 
ATOM 118 O OG   . SER A 1 8  ? 8.369   5.168  -5.010  1.00 1.14 ? 8  SER A OG   1 
ATOM 119 H H    . SER A 1 8  ? 10.930  2.979  -3.015  1.00 0.25 ? 8  SER A H    1 
ATOM 120 H HA   . SER A 1 8  ? 8.732   4.690  -2.557  1.00 0.34 ? 8  SER A HA   1 
ATOM 121 H HB2  . SER A 1 8  ? 10.274  4.523  -4.629  1.00 0.85 ? 8  SER A HB2  1 
ATOM 122 H HB3  . SER A 1 8  ? 9.164   3.275  -5.190  1.00 0.86 ? 8  SER A HB3  1 
ATOM 123 H HG   . SER A 1 8  ? 8.891   5.926  -5.282  1.00 1.57 ? 8  SER A HG   1 
ATOM 124 N N    . GLY A 1 9  ? 7.770   1.765  -3.768  1.00 0.34 ? 9  GLY A N    1 
ATOM 125 C CA   . GLY A 1 9  ? 6.610   0.831  -3.769  1.00 0.40 ? 9  GLY A CA   1 
ATOM 126 C C    . GLY A 1 9  ? 6.466   0.198  -2.384  1.00 0.42 ? 9  GLY A C    1 
ATOM 127 O O    . GLY A 1 9  ? 5.519   -0.512 -2.111  1.00 0.48 ? 9  GLY A O    1 
ATOM 128 H H    . GLY A 1 9  ? 8.579   1.543  -4.275  1.00 0.34 ? 9  GLY A H    1 
ATOM 129 H HA2  . GLY A 1 9  ? 5.709   1.375  -4.014  1.00 0.42 ? 9  GLY A HA2  1 
ATOM 130 H HA3  . GLY A 1 9  ? 6.773   0.054  -4.501  1.00 0.45 ? 9  GLY A HA3  1 
ATOM 131 N N    . TYR A 1 10 ? 7.402   0.445  -1.508  1.00 0.39 ? 10 TYR A N    1 
ATOM 132 C CA   . TYR A 1 10 ? 7.328   -0.138 -0.146  1.00 0.44 ? 10 TYR A CA   1 
ATOM 133 C C    . TYR A 1 10 ? 6.232   0.559  0.658   1.00 0.43 ? 10 TYR A C    1 
ATOM 134 O O    . TYR A 1 10 ? 5.280   -0.058 1.106   1.00 0.44 ? 10 TYR A O    1 
ATOM 135 C CB   . TYR A 1 10 ? 8.666   0.077  0.550   1.00 0.46 ? 10 TYR A CB   1 
ATOM 136 C CG   . TYR A 1 10 ? 8.800   -0.911 1.670   1.00 0.54 ? 10 TYR A CG   1 
ATOM 137 C CD1  . TYR A 1 10 ? 9.068   -2.251 1.381   1.00 1.35 ? 10 TYR A CD1  1 
ATOM 138 C CD2  . TYR A 1 10 ? 8.657   -0.489 2.993   1.00 1.34 ? 10 TYR A CD2  1 
ATOM 139 C CE1  . TYR A 1 10 ? 9.195   -3.177 2.421   1.00 1.39 ? 10 TYR A CE1  1 
ATOM 140 C CE2  . TYR A 1 10 ? 8.784   -1.412 4.036   1.00 1.39 ? 10 TYR A CE2  1 
ATOM 141 C CZ   . TYR A 1 10 ? 9.053   -2.758 3.751   1.00 0.72 ? 10 TYR A CZ   1 
ATOM 142 O OH   . TYR A 1 10 ? 9.179   -3.670 4.779   1.00 0.82 ? 10 TYR A OH   1 
ATOM 143 H H    . TYR A 1 10 ? 8.158   1.013  -1.744  1.00 0.35 ? 10 TYR A H    1 
ATOM 144 H HA   . TYR A 1 10 ? 7.120   -1.194 -0.211  1.00 0.51 ? 10 TYR A HA   1 
ATOM 145 H HB2  . TYR A 1 10 ? 9.470   -0.067 -0.155  1.00 0.46 ? 10 TYR A HB2  1 
ATOM 146 H HB3  . TYR A 1 10 ? 8.710   1.079  0.949   1.00 0.44 ? 10 TYR A HB3  1 
ATOM 147 H HD1  . TYR A 1 10 ? 9.173   -2.568 0.352   1.00 2.22 ? 10 TYR A HD1  1 
ATOM 148 H HD2  . TYR A 1 10 ? 8.446   0.552  3.207   1.00 2.21 ? 10 TYR A HD2  1 
ATOM 149 H HE1  . TYR A 1 10 ? 9.403   -4.214 2.199   1.00 2.27 ? 10 TYR A HE1  1 
ATOM 150 H HE2  . TYR A 1 10 ? 8.674   -1.089 5.060   1.00 2.26 ? 10 TYR A HE2  1 
ATOM 151 H HH   . TYR A 1 10 ? 9.081   -3.197 5.609   1.00 1.31 ? 10 TYR A HH   1 
ATOM 152 N N    . GLU A 1 11 ? 6.353   1.843  0.841   1.00 0.42 ? 11 GLU A N    1 
ATOM 153 C CA   . GLU A 1 11 ? 5.319   2.569  1.611   1.00 0.42 ? 11 GLU A CA   1 
ATOM 154 C C    . GLU A 1 11 ? 4.070   2.651  0.752   1.00 0.40 ? 11 GLU A C    1 
ATOM 155 O O    . GLU A 1 11 ? 2.962   2.485  1.214   1.00 0.40 ? 11 GLU A O    1 
ATOM 156 C CB   . GLU A 1 11 ? 5.814   3.978  1.945   1.00 0.42 ? 11 GLU A CB   1 
ATOM 157 C CG   . GLU A 1 11 ? 6.295   4.020  3.397   1.00 0.92 ? 11 GLU A CG   1 
ATOM 158 C CD   . GLU A 1 11 ? 6.775   5.433  3.735   1.00 1.38 ? 11 GLU A CD   1 
ATOM 159 O OE1  . GLU A 1 11 ? 7.917   5.737  3.435   1.00 1.99 ? 11 GLU A OE1  1 
ATOM 160 O OE2  . GLU A 1 11 ? 5.992   6.187  4.288   1.00 1.99 ? 11 GLU A OE2  1 
ATOM 161 H H    . GLU A 1 11 ? 7.113   2.327  0.463   1.00 0.43 ? 11 GLU A H    1 
ATOM 162 H HA   . GLU A 1 11 ? 5.107   2.028  2.522   1.00 0.44 ? 11 GLU A HA   1 
ATOM 163 H HB2  . GLU A 1 11 ? 6.630   4.239  1.287   1.00 0.71 ? 11 GLU A HB2  1 
ATOM 164 H HB3  . GLU A 1 11 ? 5.007   4.684  1.815   1.00 0.69 ? 11 GLU A HB3  1 
ATOM 165 H HG2  . GLU A 1 11 ? 5.482   3.748  4.054   1.00 1.38 ? 11 GLU A HG2  1 
ATOM 166 H HG3  . GLU A 1 11 ? 7.111   3.325  3.527   1.00 1.39 ? 11 GLU A HG3  1 
ATOM 167 N N    . VAL A 1 12 ? 4.244   2.879  -0.513  1.00 0.40 ? 12 VAL A N    1 
ATOM 168 C CA   . VAL A 1 12 ? 3.065   2.943  -1.408  1.00 0.40 ? 12 VAL A CA   1 
ATOM 169 C C    . VAL A 1 12 ? 2.348   1.614  -1.334  1.00 0.41 ? 12 VAL A C    1 
ATOM 170 O O    . VAL A 1 12 ? 1.137   1.540  -1.345  1.00 0.40 ? 12 VAL A O    1 
ATOM 171 C CB   . VAL A 1 12 ? 3.531   3.241  -2.810  1.00 0.43 ? 12 VAL A CB   1 
ATOM 172 C CG1  . VAL A 1 12 ? 2.463   2.836  -3.832  1.00 0.45 ? 12 VAL A CG1  1 
ATOM 173 C CG2  . VAL A 1 12 ? 3.758   4.732  -2.858  1.00 0.44 ? 12 VAL A CG2  1 
ATOM 174 H H    . VAL A 1 12 ? 5.154   2.986  -0.875  1.00 0.41 ? 12 VAL A H    1 
ATOM 175 H HA   . VAL A 1 12 ? 2.405   3.733  -1.080  1.00 0.39 ? 12 VAL A HA   1 
ATOM 176 H HB   . VAL A 1 12 ? 4.457   2.723  -3.010  1.00 0.44 ? 12 VAL A HB   1 
ATOM 177 H HG11 . VAL A 1 12 ? 1.522   2.678  -3.326  1.00 1.13 ? 12 VAL A HG11 1 
ATOM 178 H HG12 . VAL A 1 12 ? 2.350   3.622  -4.564  1.00 1.12 ? 12 VAL A HG12 1 
ATOM 179 H HG13 . VAL A 1 12 ? 2.765   1.924  -4.325  1.00 1.09 ? 12 VAL A HG13 1 
ATOM 180 H HG21 . VAL A 1 12 ? 4.495   4.996  -2.111  1.00 1.13 ? 12 VAL A HG21 1 
ATOM 181 H HG22 . VAL A 1 12 ? 4.101   5.014  -3.832  1.00 1.12 ? 12 VAL A HG22 1 
ATOM 182 H HG23 . VAL A 1 12 ? 2.827   5.234  -2.632  1.00 1.08 ? 12 VAL A HG23 1 
ATOM 183 N N    . HIS A 1 13 ? 3.095   0.565  -1.205  1.00 0.43 ? 13 HIS A N    1 
ATOM 184 C CA   . HIS A 1 13 ? 2.456   -0.764 -1.059  1.00 0.46 ? 13 HIS A CA   1 
ATOM 185 C C    . HIS A 1 13 ? 1.510   -0.643 0.122   1.00 0.43 ? 13 HIS A C    1 
ATOM 186 O O    . HIS A 1 13 ? 0.319   -0.853 0.017   1.00 0.42 ? 13 HIS A O    1 
ATOM 187 C CB   . HIS A 1 13 ? 3.508   -1.821 -0.739  1.00 0.50 ? 13 HIS A CB   1 
ATOM 188 C CG   . HIS A 1 13 ? 2.820   -3.100 -0.349  1.00 0.53 ? 13 HIS A CG   1 
ATOM 189 N ND1  . HIS A 1 13 ? 2.936   -4.262 -1.096  1.00 0.58 ? 13 HIS A ND1  1 
ATOM 190 C CD2  . HIS A 1 13 ? 1.997   -3.411 0.704   1.00 0.55 ? 13 HIS A CD2  1 
ATOM 191 C CE1  . HIS A 1 13 ? 2.198   -5.209 -0.486  1.00 0.61 ? 13 HIS A CE1  1 
ATOM 192 N NE2  . HIS A 1 13 ? 1.605   -4.743 0.616   1.00 0.60 ? 13 HIS A NE2  1 
ATOM 193 H H    . HIS A 1 13 ? 4.069   0.663  -1.165  1.00 0.44 ? 13 HIS A H    1 
ATOM 194 H HA   . HIS A 1 13 ? 1.913   -1.025 -1.955  1.00 0.47 ? 13 HIS A HA   1 
ATOM 195 H HB2  . HIS A 1 13 ? 4.127   -1.988 -1.603  1.00 0.52 ? 13 HIS A HB2  1 
ATOM 196 H HB3  . HIS A 1 13 ? 4.119   -1.478 0.085   1.00 0.50 ? 13 HIS A HB3  1 
ATOM 197 H HD1  . HIS A 1 13 ? 3.459   -4.374 -1.917  1.00 0.61 ? 13 HIS A HD1  1 
ATOM 198 H HD2  . HIS A 1 13 ? 1.695   -2.724 1.482   1.00 0.56 ? 13 HIS A HD2  1 
ATOM 199 H HE1  . HIS A 1 13 ? 2.097   -6.223 -0.844  1.00 0.66 ? 13 HIS A HE1  1 
ATOM 200 N N    . HIS A 1 14 ? 2.051   -0.266 1.248   1.00 0.42 ? 14 HIS A N    1 
ATOM 201 C CA   . HIS A 1 14 ? 1.204   -0.085 2.458   1.00 0.40 ? 14 HIS A CA   1 
ATOM 202 C C    . HIS A 1 14 ? 0.011   0.801  2.085   1.00 0.37 ? 14 HIS A C    1 
ATOM 203 O O    . HIS A 1 14 ? -1.056  0.690  2.648   1.00 0.37 ? 14 HIS A O    1 
ATOM 204 C CB   . HIS A 1 14 ? 2.045   0.565  3.582   1.00 0.41 ? 14 HIS A CB   1 
ATOM 205 C CG   . HIS A 1 14 ? 1.735   2.037  3.729   1.00 0.39 ? 14 HIS A CG   1 
ATOM 206 N ND1  . HIS A 1 14 ? 2.689   3.016  3.503   1.00 0.39 ? 14 HIS A ND1  1 
ATOM 207 C CD2  . HIS A 1 14 ? 0.581   2.709  4.053   1.00 0.37 ? 14 HIS A CD2  1 
ATOM 208 C CE1  . HIS A 1 14 ? 2.101   4.209  3.682   1.00 0.39 ? 14 HIS A CE1  1 
ATOM 209 N NE2  . HIS A 1 14 ? 0.815   4.082  4.023   1.00 0.37 ? 14 HIS A NE2  1 
ATOM 210 H H    . HIS A 1 14 ? 3.018   -0.088 1.287   1.00 0.44 ? 14 HIS A H    1 
ATOM 211 H HA   . HIS A 1 14 ? 0.841   -1.047 2.788   1.00 0.42 ? 14 HIS A HA   1 
ATOM 212 H HB2  . HIS A 1 14 ? 1.841   0.065  4.516   1.00 0.44 ? 14 HIS A HB2  1 
ATOM 213 H HB3  . HIS A 1 14 ? 3.091   0.453  3.341   1.00 0.43 ? 14 HIS A HB3  1 
ATOM 214 H HD1  . HIS A 1 14 ? 3.625   2.864  3.259   1.00 0.41 ? 14 HIS A HD1  1 
ATOM 215 H HD2  . HIS A 1 14 ? -0.364  2.244  4.295   1.00 0.37 ? 14 HIS A HD2  1 
ATOM 216 H HE1  . HIS A 1 14 ? 2.600   5.156  3.530   1.00 0.40 ? 14 HIS A HE1  1 
ATOM 217 N N    . GLN A 1 15 ? 0.194   1.683  1.139   1.00 0.37 ? 15 GLN A N    1 
ATOM 218 C CA   . GLN A 1 15 ? -0.921  2.577  0.727   1.00 0.36 ? 15 GLN A CA   1 
ATOM 219 C C    . GLN A 1 15 ? -2.048  1.747  0.121   1.00 0.37 ? 15 GLN A C    1 
ATOM 220 O O    . GLN A 1 15 ? -3.201  1.907  0.459   1.00 0.35 ? 15 GLN A O    1 
ATOM 221 C CB   . GLN A 1 15 ? -0.412  3.566  -0.319  1.00 0.38 ? 15 GLN A CB   1 
ATOM 222 C CG   . GLN A 1 15 ? -0.900  4.965  0.032   1.00 0.40 ? 15 GLN A CG   1 
ATOM 223 C CD   . GLN A 1 15 ? 0.226   5.734  0.719   1.00 0.42 ? 15 GLN A CD   1 
ATOM 224 O OE1  . GLN A 1 15 ? 0.267   6.948  0.673   1.00 0.49 ? 15 GLN A OE1  1 
ATOM 225 N NE2  . GLN A 1 15 ? 1.148   5.073  1.359   1.00 0.41 ? 15 GLN A NE2  1 
ATOM 226 H H    . GLN A 1 15 ? 1.070   1.762  0.701   1.00 0.39 ? 15 GLN A H    1 
ATOM 227 H HA   . GLN A 1 15 ? -1.290  3.115  1.585   1.00 0.35 ? 15 GLN A HA   1 
ATOM 228 H HB2  . GLN A 1 15 ? 0.669   3.551  -0.333  1.00 0.38 ? 15 GLN A HB2  1 
ATOM 229 H HB3  . GLN A 1 15 ? -0.789  3.288  -1.292  1.00 0.40 ? 15 GLN A HB3  1 
ATOM 230 H HG2  . GLN A 1 15 ? -1.192  5.481  -0.869  1.00 0.42 ? 15 GLN A HG2  1 
ATOM 231 H HG3  . GLN A 1 15 ? -1.745  4.890  0.700   1.00 0.42 ? 15 GLN A HG3  1 
ATOM 232 H HE21 . GLN A 1 15 ? 1.112   4.092  1.397   1.00 0.38 ? 15 GLN A HE21 1 
ATOM 233 H HE22 . GLN A 1 15 ? 1.880   5.555  1.798   1.00 0.44 ? 15 GLN A HE22 1 
ATOM 234 N N    . LYS A 1 16 ? -1.719  0.873  -0.783  1.00 0.42 ? 16 LYS A N    1 
ATOM 235 C CA   . LYS A 1 16 ? -2.764  0.031  -1.430  1.00 0.45 ? 16 LYS A CA   1 
ATOM 236 C C    . LYS A 1 16 ? -3.418  -0.884 -0.392  1.00 0.42 ? 16 LYS A C    1 
ATOM 237 O O    . LYS A 1 16 ? -4.624  -1.017 -0.343  1.00 0.43 ? 16 LYS A O    1 
ATOM 238 C CB   . LYS A 1 16 ? -2.122  -0.824 -2.522  1.00 0.52 ? 16 LYS A CB   1 
ATOM 239 C CG   . LYS A 1 16 ? -3.206  -1.626 -3.247  1.00 1.16 ? 16 LYS A CG   1 
ATOM 240 C CD   . LYS A 1 16 ? -3.357  -2.992 -2.601  1.00 0.83 ? 16 LYS A CD   1 
ATOM 241 C CE   . LYS A 1 16 ? -2.003  -3.702 -2.567  1.00 1.05 ? 16 LYS A CE   1 
ATOM 242 N NZ   . LYS A 1 16 ? -2.190  -5.145 -2.888  1.00 1.56 ? 16 LYS A NZ   1 
ATOM 243 H H    . LYS A 1 16 ? -0.780  0.776  -1.043  1.00 0.44 ? 16 LYS A H    1 
ATOM 244 H HA   . LYS A 1 16 ? -3.518  0.670  -1.869  1.00 0.45 ? 16 LYS A HA   1 
ATOM 245 H HB2  . LYS A 1 16 ? -1.614  -0.182 -3.227  1.00 1.06 ? 16 LYS A HB2  1 
ATOM 246 H HB3  . LYS A 1 16 ? -1.412  -1.502 -2.076  1.00 1.02 ? 16 LYS A HB3  1 
ATOM 247 H HG2  . LYS A 1 16 ? -4.147  -1.102 -3.181  1.00 1.92 ? 16 LYS A HG2  1 
ATOM 248 H HG3  . LYS A 1 16 ? -2.933  -1.753 -4.281  1.00 1.88 ? 16 LYS A HG3  1 
ATOM 249 H HD2  . LYS A 1 16 ? -3.729  -2.867 -1.598  1.00 1.33 ? 16 LYS A HD2  1 
ATOM 250 H HD3  . LYS A 1 16 ? -4.055  -3.576 -3.178  1.00 1.12 ? 16 LYS A HD3  1 
ATOM 251 H HE2  . LYS A 1 16 ? -1.342  -3.255 -3.295  1.00 1.46 ? 16 LYS A HE2  1 
ATOM 252 H HE3  . LYS A 1 16 ? -1.570  -3.606 -1.581  1.00 1.63 ? 16 LYS A HE3  1 
ATOM 253 H HZ1  . LYS A 1 16 ? -3.070  -5.267 -3.431  1.00 1.94 ? 16 LYS A HZ1  1 
ATOM 254 H HZ2  . LYS A 1 16 ? -1.384  -5.484 -3.450  1.00 1.96 ? 16 LYS A HZ2  1 
ATOM 255 H HZ3  . LYS A 1 16 ? -2.249  -5.692 -2.006  1.00 2.05 ? 16 LYS A HZ3  1 
ATOM 256 N N    . LEU A 1 17 ? -2.635  -1.525 0.432   1.00 0.43 ? 17 LEU A N    1 
ATOM 257 C CA   . LEU A 1 17 ? -3.212  -2.434 1.452   1.00 0.43 ? 17 LEU A CA   1 
ATOM 258 C C    . LEU A 1 17 ? -4.062  -1.634 2.442   1.00 0.37 ? 17 LEU A C    1 
ATOM 259 O O    . LEU A 1 17 ? -5.030  -2.130 2.987   1.00 0.35 ? 17 LEU A O    1 
ATOM 260 C CB   . LEU A 1 17 ? -2.064  -3.115 2.188   1.00 0.47 ? 17 LEU A CB   1 
ATOM 261 C CG   . LEU A 1 17 ? -2.301  -4.625 2.223   1.00 0.54 ? 17 LEU A CG   1 
ATOM 262 C CD1  . LEU A 1 17 ? -3.740  -4.907 2.658   1.00 0.70 ? 17 LEU A CD1  1 
ATOM 263 C CD2  . LEU A 1 17 ? -2.069  -5.205 0.826   1.00 0.81 ? 17 LEU A CD2  1 
ATOM 264 H H    . LEU A 1 17 ? -1.663  -1.416 0.381   1.00 0.46 ? 17 LEU A H    1 
ATOM 265 H HA   . LEU A 1 17 ? -3.823  -3.180 0.968   1.00 0.46 ? 17 LEU A HA   1 
ATOM 266 H HB2  . LEU A 1 17 ? -1.137  -2.907 1.667   1.00 0.50 ? 17 LEU A HB2  1 
ATOM 267 H HB3  . LEU A 1 17 ? -2.005  -2.733 3.194   1.00 0.45 ? 17 LEU A HB3  1 
ATOM 268 H HG   . LEU A 1 17 ? -1.616  -5.082 2.923   1.00 0.78 ? 17 LEU A HG   1 
ATOM 269 H HD11 . LEU A 1 17 ? -4.068  -4.134 3.337   1.00 1.34 ? 17 LEU A HD11 1 
ATOM 270 H HD12 . LEU A 1 17 ? -4.383  -4.920 1.790   1.00 1.26 ? 17 LEU A HD12 1 
ATOM 271 H HD13 . LEU A 1 17 ? -3.786  -5.865 3.154   1.00 1.26 ? 17 LEU A HD13 1 
ATOM 272 H HD21 . LEU A 1 17 ? -1.223  -4.713 0.368   1.00 1.47 ? 17 LEU A HD21 1 
ATOM 273 H HD22 . LEU A 1 17 ? -1.871  -6.263 0.902   1.00 1.29 ? 17 LEU A HD22 1 
ATOM 274 H HD23 . LEU A 1 17 ? -2.948  -5.046 0.219   1.00 1.33 ? 17 LEU A HD23 1 
ATOM 275 N N    . VAL A 1 18 ? -3.714  -0.400 2.675   1.00 0.36 ? 18 VAL A N    1 
ATOM 276 C CA   . VAL A 1 18 ? -4.503  0.431  3.622   1.00 0.32 ? 18 VAL A CA   1 
ATOM 277 C C    . VAL A 1 18 ? -5.768  0.913  2.912   1.00 0.29 ? 18 VAL A C    1 
ATOM 278 O O    . VAL A 1 18 ? -6.797  1.121  3.521   1.00 0.24 ? 18 VAL A O    1 
ATOM 279 C CB   . VAL A 1 18 ? -3.655  1.629  4.054   1.00 0.33 ? 18 VAL A CB   1 
ATOM 280 C CG1  . VAL A 1 18 ? -4.549  2.714  4.660   1.00 0.39 ? 18 VAL A CG1  1 
ATOM 281 C CG2  . VAL A 1 18 ? -2.631  1.174  5.097   1.00 0.42 ? 18 VAL A CG2  1 
ATOM 282 H H    . VAL A 1 18 ? -2.937  -0.013 2.222   1.00 0.39 ? 18 VAL A H    1 
ATOM 283 H HA   . VAL A 1 18 ? -4.771  -0.157 4.487   1.00 0.33 ? 18 VAL A HA   1 
ATOM 284 H HB   . VAL A 1 18 ? -3.137  2.025  3.192   1.00 0.38 ? 18 VAL A HB   1 
ATOM 285 H HG11 . VAL A 1 18 ? -5.113  2.298  5.481   1.00 1.08 ? 18 VAL A HG11 1 
ATOM 286 H HG12 . VAL A 1 18 ? -3.936  3.527  5.018   1.00 1.11 ? 18 VAL A HG12 1 
ATOM 287 H HG13 . VAL A 1 18 ? -5.229  3.081  3.906   1.00 1.12 ? 18 VAL A HG13 1 
ATOM 288 H HG21 . VAL A 1 18 ? -2.012  0.394  4.679   1.00 1.15 ? 18 VAL A HG21 1 
ATOM 289 H HG22 . VAL A 1 18 ? -2.011  2.012  5.382   1.00 1.11 ? 18 VAL A HG22 1 
ATOM 290 H HG23 . VAL A 1 18 ? -3.148  0.797  5.967   1.00 1.07 ? 18 VAL A HG23 1 
ATOM 291 N N    . PHE A 1 19 ? -5.694  1.080  1.622   1.00 0.35 ? 19 PHE A N    1 
ATOM 292 C CA   . PHE A 1 19 ? -6.880  1.538  0.855   1.00 0.34 ? 19 PHE A CA   1 
ATOM 293 C C    . PHE A 1 19 ? -7.885  0.394  0.772   1.00 0.32 ? 19 PHE A C    1 
ATOM 294 O O    . PHE A 1 19 ? -9.083  0.599  0.762   1.00 0.30 ? 19 PHE A O    1 
ATOM 295 C CB   . PHE A 1 19 ? -6.446  1.932  -0.556  1.00 0.41 ? 19 PHE A CB   1 
ATOM 296 C CG   . PHE A 1 19 ? -6.994  3.296  -0.887  1.00 0.49 ? 19 PHE A CG   1 
ATOM 297 C CD1  . PHE A 1 19 ? -8.291  3.422  -1.396  1.00 1.36 ? 19 PHE A CD1  1 
ATOM 298 C CD2  . PHE A 1 19 ? -6.205  4.432  -0.685  1.00 1.36 ? 19 PHE A CD2  1 
ATOM 299 C CE1  . PHE A 1 19 ? -8.800  4.689  -1.704  1.00 1.52 ? 19 PHE A CE1  1 
ATOM 300 C CE2  . PHE A 1 19 ? -6.713  5.700  -0.991  1.00 1.53 ? 19 PHE A CE2  1 
ATOM 301 C CZ   . PHE A 1 19 ? -8.012  5.829  -1.501  1.00 1.10 ? 19 PHE A CZ   1 
ATOM 302 H H    . PHE A 1 19 ? -4.854  0.895  1.155   1.00 0.40 ? 19 PHE A H    1 
ATOM 303 H HA   . PHE A 1 19 ? -7.332  2.386  1.349   1.00 0.33 ? 19 PHE A HA   1 
ATOM 304 H HB2  . PHE A 1 19 ? -5.368  1.955  -0.607  1.00 0.49 ? 19 PHE A HB2  1 
ATOM 305 H HB3  . PHE A 1 19 ? -6.826  1.211  -1.264  1.00 0.61 ? 19 PHE A HB3  1 
ATOM 306 H HD1  . PHE A 1 19 ? -8.897  2.541  -1.552  1.00 2.21 ? 19 PHE A HD1  1 
ATOM 307 H HD2  . PHE A 1 19 ? -5.203  4.330  -0.290  1.00 2.20 ? 19 PHE A HD2  1 
ATOM 308 H HE1  . PHE A 1 19 ? -9.802  4.787  -2.097  1.00 2.38 ? 19 PHE A HE1  1 
ATOM 309 H HE2  . PHE A 1 19 ? -6.105  6.578  -0.835  1.00 2.40 ? 19 PHE A HE2  1 
ATOM 310 H HZ   . PHE A 1 19 ? -8.404  6.806  -1.738  1.00 1.36 ? 19 PHE A HZ   1 
ATOM 311 N N    . PHE A 1 20 ? -7.400  -0.813 0.714   1.00 0.39 ? 20 PHE A N    1 
ATOM 312 C CA   . PHE A 1 20 ? -8.314  -1.980 0.632   1.00 0.41 ? 20 PHE A CA   1 
ATOM 313 C C    . PHE A 1 20 ? -8.947  -2.219 2.001   1.00 0.31 ? 20 PHE A C    1 
ATOM 314 O O    . PHE A 1 20 ? -10.115 -2.508 2.107   1.00 0.30 ? 20 PHE A O    1 
ATOM 315 C CB   . PHE A 1 20 ? -7.514  -3.216 0.201   1.00 0.53 ? 20 PHE A CB   1 
ATOM 316 C CG   . PHE A 1 20 ? -8.316  -4.473 0.456   1.00 0.59 ? 20 PHE A CG   1 
ATOM 317 C CD1  . PHE A 1 20 ? -8.456  -4.964 1.761   1.00 1.29 ? 20 PHE A CD1  1 
ATOM 318 C CD2  . PHE A 1 20 ? -8.911  -5.153 -0.614  1.00 1.43 ? 20 PHE A CD2  1 
ATOM 319 C CE1  . PHE A 1 20 ? -9.194  -6.131 1.994   1.00 1.38 ? 20 PHE A CE1  1 
ATOM 320 C CE2  . PHE A 1 20 ? -9.647  -6.320 -0.380  1.00 1.52 ? 20 PHE A CE2  1 
ATOM 321 C CZ   . PHE A 1 20 ? -9.790  -6.809 0.924   1.00 0.92 ? 20 PHE A CZ   1 
ATOM 322 H H    . PHE A 1 20 ? -6.430  -0.952 0.723   1.00 0.46 ? 20 PHE A H    1 
ATOM 323 H HA   . PHE A 1 20 ? -9.090  -1.776 -0.095  1.00 0.43 ? 20 PHE A HA   1 
ATOM 324 H HB2  . PHE A 1 20 ? -7.287  -3.146 -0.854  1.00 0.68 ? 20 PHE A HB2  1 
ATOM 325 H HB3  . PHE A 1 20 ? -6.593  -3.259 0.763   1.00 0.56 ? 20 PHE A HB3  1 
ATOM 326 H HD1  . PHE A 1 20 ? -7.997  -4.441 2.587   1.00 2.13 ? 20 PHE A HD1  1 
ATOM 327 H HD2  . PHE A 1 20 ? -8.803  -4.775 -1.620  1.00 2.28 ? 20 PHE A HD2  1 
ATOM 328 H HE1  . PHE A 1 20 ? -9.303  -6.508 3.000   1.00 2.23 ? 20 PHE A HE1  1 
ATOM 329 H HE2  . PHE A 1 20 ? -10.106 -6.843 -1.206  1.00 2.38 ? 20 PHE A HE2  1 
ATOM 330 H HZ   . PHE A 1 20 ? -10.357 -7.709 1.104   1.00 1.08 ? 20 PHE A HZ   1 
ATOM 331 N N    . ALA A 1 21 ? -8.191  -2.105 3.055   1.00 0.30 ? 21 ALA A N    1 
ATOM 332 C CA   . ALA A 1 21 ? -8.777  -2.332 4.402   1.00 0.27 ? 21 ALA A CA   1 
ATOM 333 C C    . ALA A 1 21 ? -9.705  -1.167 4.761   1.00 0.20 ? 21 ALA A C    1 
ATOM 334 O O    . ALA A 1 21 ? -10.622 -1.312 5.540   1.00 0.23 ? 21 ALA A O    1 
ATOM 335 C CB   . ALA A 1 21 ? -7.651  -2.424 5.430   1.00 0.35 ? 21 ALA A CB   1 
ATOM 336 H H    . ALA A 1 21 ? -7.242  -1.873 2.963   1.00 0.35 ? 21 ALA A H    1 
ATOM 337 H HA   . ALA A 1 21 ? -9.342  -3.256 4.398   1.00 0.30 ? 21 ALA A HA   1 
ATOM 338 H HB1  . ALA A 1 21 ? -6.700  -2.476 4.917   1.00 1.11 ? 21 ALA A HB1  1 
ATOM 339 H HB2  . ALA A 1 21 ? -7.670  -1.550 6.063   1.00 1.06 ? 21 ALA A HB2  1 
ATOM 340 H HB3  . ALA A 1 21 ? -7.784  -3.309 6.032   1.00 1.06 ? 21 ALA A HB3  1 
ATOM 341 N N    . GLU A 1 22 ? -9.480  -0.013 4.195   1.00 0.19 ? 22 GLU A N    1 
ATOM 342 C CA   . GLU A 1 22 ? -10.355 1.148  4.505   1.00 0.22 ? 22 GLU A CA   1 
ATOM 343 C C    . GLU A 1 22 ? -11.673 0.976  3.764   1.00 0.23 ? 22 GLU A C    1 
ATOM 344 O O    . GLU A 1 22 ? -12.733 1.181  4.313   1.00 0.31 ? 22 GLU A O    1 
ATOM 345 C CB   . GLU A 1 22 ? -9.675  2.443  4.059   1.00 0.30 ? 22 GLU A CB   1 
ATOM 346 C CG   . GLU A 1 22 ? -8.549  2.782  5.023   1.00 0.99 ? 22 GLU A CG   1 
ATOM 347 C CD   . GLU A 1 22 ? -8.790  4.165  5.629   1.00 1.44 ? 22 GLU A CD   1 
ATOM 348 O OE1  . GLU A 1 22 ? -8.375  5.138  5.020   1.00 2.02 ? 22 GLU A OE1  1 
ATOM 349 O OE2  . GLU A 1 22 ? -9.385  4.231  6.692   1.00 1.89 ? 22 GLU A OE2  1 
ATOM 350 H H    . GLU A 1 22 ? -8.745  0.087  3.567   1.00 0.24 ? 22 GLU A H    1 
ATOM 351 H HA   . GLU A 1 22 ? -10.541 1.180  5.567   1.00 0.27 ? 22 GLU A HA   1 
ATOM 352 H HB2  . GLU A 1 22 ? -9.269  2.314  3.069   1.00 0.89 ? 22 GLU A HB2  1 
ATOM 353 H HB3  . GLU A 1 22 ? -10.392 3.244  4.057   1.00 0.86 ? 22 GLU A HB3  1 
ATOM 354 H HG2  . GLU A 1 22 ? -8.528  2.045  5.803   1.00 1.31 ? 22 GLU A HG2  1 
ATOM 355 H HG3  . GLU A 1 22 ? -7.608  2.778  4.497   1.00 1.41 ? 22 GLU A HG3  1 
ATOM 356 N N    . ASP A 1 23 ? -11.618 0.577  2.526   1.00 0.24 ? 23 ASP A N    1 
ATOM 357 C CA   . ASP A 1 23 ? -12.873 0.360  1.762   1.00 0.32 ? 23 ASP A CA   1 
ATOM 358 C C    . ASP A 1 23 ? -13.411 -1.011 2.143   1.00 0.32 ? 23 ASP A C    1 
ATOM 359 O O    . ASP A 1 23 ? -14.451 -1.145 2.757   1.00 0.37 ? 23 ASP A O    1 
ATOM 360 C CB   . ASP A 1 23 ? -12.572 0.382  0.267   1.00 0.40 ? 23 ASP A CB   1 
ATOM 361 C CG   . ASP A 1 23 ? -13.241 1.598  -0.376  1.00 0.50 ? 23 ASP A CG   1 
ATOM 362 O OD1  . ASP A 1 23 ? -14.234 2.056  0.164   1.00 1.23 ? 23 ASP A OD1  1 
ATOM 363 O OD2  . ASP A 1 23 ? -12.749 2.048  -1.397  1.00 1.18 ? 23 ASP A OD2  1 
ATOM 364 H H    . ASP A 1 23 ? -10.750 0.400  2.106   1.00 0.26 ? 23 ASP A H    1 
ATOM 365 H HA   . ASP A 1 23 ? -13.590 1.124  2.003   1.00 0.37 ? 23 ASP A HA   1 
ATOM 366 H HB2  . ASP A 1 23 ? -11.509 0.437  0.127   1.00 0.39 ? 23 ASP A HB2  1 
ATOM 367 H HB3  . ASP A 1 23 ? -12.947 -0.521 -0.191  1.00 0.43 ? 23 ASP A HB3  1 
ATOM 368 N N    . VAL A 1 24 ? -12.687 -2.032 1.788   1.00 0.32 ? 24 VAL A N    1 
ATOM 369 C CA   . VAL A 1 24 ? -13.112 -3.413 2.125   1.00 0.38 ? 24 VAL A CA   1 
ATOM 370 C C    . VAL A 1 24 ? -13.397 -3.516 3.618   1.00 0.39 ? 24 VAL A C    1 
ATOM 371 O O    . VAL A 1 24 ? -14.394 -4.070 4.037   1.00 0.51 ? 24 VAL A O    1 
ATOM 372 C CB   . VAL A 1 24 ? -11.992 -4.386 1.759   1.00 0.42 ? 24 VAL A CB   1 
ATOM 373 C CG1  . VAL A 1 24 ? -12.489 -5.822 1.896   1.00 0.50 ? 24 VAL A CG1  1 
ATOM 374 C CG2  . VAL A 1 24 ? -11.552 -4.128 0.318   1.00 0.53 ? 24 VAL A CG2  1 
ATOM 375 H H    . VAL A 1 24 ? -11.852 -1.884 1.298   1.00 0.32 ? 24 VAL A H    1 
ATOM 376 H HA   . VAL A 1 24 ? -13.993 -3.655 1.574   1.00 0.45 ? 24 VAL A HA   1 
ATOM 377 H HB   . VAL A 1 24 ? -11.158 -4.239 2.426   1.00 0.43 ? 24 VAL A HB   1 
ATOM 378 H HG11 . VAL A 1 24 ? -13.400 -5.833 2.476   1.00 1.14 ? 24 VAL A HG11 1 
ATOM 379 H HG12 . VAL A 1 24 ? -12.679 -6.231 0.916   1.00 1.12 ? 24 VAL A HG12 1 
ATOM 380 H HG13 . VAL A 1 24 ? -11.737 -6.414 2.395   1.00 1.16 ? 24 VAL A HG13 1 
ATOM 381 H HG21 . VAL A 1 24 ? -12.208 -3.396 -0.131  1.00 1.15 ? 24 VAL A HG21 1 
ATOM 382 H HG22 . VAL A 1 24 ? -10.540 -3.755 0.313   1.00 1.16 ? 24 VAL A HG22 1 
ATOM 383 H HG23 . VAL A 1 24 ? -11.603 -5.048 -0.244  1.00 1.17 ? 24 VAL A HG23 1 
ATOM 384 N N    . GLY A 1 25 ? -12.526 -2.987 4.423   1.00 0.32 ? 25 GLY A N    1 
ATOM 385 C CA   . GLY A 1 25 ? -12.737 -3.050 5.893   1.00 0.41 ? 25 GLY A CA   1 
ATOM 386 C C    . GLY A 1 25 ? -13.913 -2.155 6.262   1.00 0.47 ? 25 GLY A C    1 
ATOM 387 O O    . GLY A 1 25 ? -14.775 -2.532 7.030   1.00 0.58 ? 25 GLY A O    1 
ATOM 388 H H    . GLY A 1 25 ? -11.735 -2.544 4.060   1.00 0.26 ? 25 GLY A H    1 
ATOM 389 H HA2  . GLY A 1 25 ? -12.951 -4.070 6.182   1.00 0.48 ? 25 GLY A HA2  1 
ATOM 390 H HA3  . GLY A 1 25 ? -11.852 -2.708 6.400   1.00 0.40 ? 25 GLY A HA3  1 
ATOM 391 N N    . SER A 1 26 ? -13.962 -0.970 5.717   1.00 0.45 ? 26 SER A N    1 
ATOM 392 C CA   . SER A 1 26 ? -15.100 -0.061 6.042   1.00 0.56 ? 26 SER A CA   1 
ATOM 393 C C    . SER A 1 26 ? -16.407 -0.855 5.986   1.00 0.59 ? 26 SER A C    1 
ATOM 394 O O    . SER A 1 26 ? -17.205 -0.824 6.902   1.00 0.76 ? 26 SER A O    1 
ATOM 395 C CB   . SER A 1 26 ? -15.163 1.080  5.027   1.00 0.69 ? 26 SER A CB   1 
ATOM 396 O OG   . SER A 1 26 ? -16.486 1.597  4.982   1.00 1.32 ? 26 SER A OG   1 
ATOM 397 H H    . SER A 1 26 ? -13.253 -0.681 5.095   1.00 0.39 ? 26 SER A H    1 
ATOM 398 H HA   . SER A 1 26 ? -14.966 0.344  7.033   1.00 0.69 ? 26 SER A HA   1 
ATOM 399 H HB2  . SER A 1 26 ? -14.485 1.865  5.321   1.00 1.26 ? 26 SER A HB2  1 
ATOM 400 H HB3  . SER A 1 26 ? -14.878 0.709  4.051   1.00 1.22 ? 26 SER A HB3  1 
ATOM 401 H HG   . SER A 1 26 ? -16.707 1.924  5.858   1.00 1.63 ? 26 SER A HG   1 
ATOM 402 N N    . ASN A 1 27 ? -16.631 -1.565 4.914   1.00 0.64 ? 27 ASN A N    1 
ATOM 403 C CA   . ASN A 1 27 ? -17.884 -2.363 4.791   1.00 0.81 ? 27 ASN A CA   1 
ATOM 404 C C    . ASN A 1 27 ? -17.553 -3.852 4.920   1.00 0.82 ? 27 ASN A C    1 
ATOM 405 O O    . ASN A 1 27 ? -17.935 -4.656 4.091   1.00 1.26 ? 27 ASN A O    1 
ATOM 406 C CB   . ASN A 1 27 ? -18.519 -2.103 3.424   1.00 1.01 ? 27 ASN A CB   1 
ATOM 407 C CG   . ASN A 1 27 ? -17.651 -2.708 2.334   1.00 0.99 ? 27 ASN A CG   1 
ATOM 408 O OD1  . ASN A 1 27 ? -16.602 -3.257 2.603   1.00 1.68 ? 27 ASN A OD1  1 
ATOM 409 N ND2  . ASN A 1 27 ? -18.050 -2.627 1.101   1.00 1.23 ? 27 ASN A ND2  1 
ATOM 410 H H    . ASN A 1 27 ? -15.974 -1.573 4.187   1.00 0.70 ? 27 ASN A H    1 
ATOM 411 H HA   . ASN A 1 27 ? -18.574 -2.076 5.570   1.00 0.96 ? 27 ASN A HA   1 
ATOM 412 H HB2  . ASN A 1 27 ? -19.498 -2.554 3.385   1.00 1.48 ? 27 ASN A HB2  1 
ATOM 413 H HB3  . ASN A 1 27 ? -18.603 -1.040 3.257   1.00 1.60 ? 27 ASN A HB3  1 
ATOM 414 H HD21 . ASN A 1 27 ? -18.897 -2.182 0.888   1.00 1.55 ? 27 ASN A HD21 1 
ATOM 415 H HD22 . ASN A 1 27 ? -17.508 -3.007 0.393   1.00 1.58 ? 27 ASN A HD22 1 
ATOM 416 N N    . LYS A 1 28 ? -16.846 -4.227 5.949   1.00 0.90 ? 28 LYS A N    1 
ATOM 417 C CA   . LYS A 1 28 ? -16.491 -5.664 6.127   1.00 0.95 ? 28 LYS A CA   1 
ATOM 418 C C    . LYS A 1 28 ? -17.300 -6.250 7.286   1.00 1.24 ? 28 LYS A C    1 
ATOM 419 O O    . LYS A 1 28 ? -16.971 -5.954 8.422   1.00 1.88 ? 28 LYS A O    1 
ATOM 420 C CB   . LYS A 1 28 ? -14.996 -5.785 6.435   1.00 1.42 ? 28 LYS A CB   1 
ATOM 421 C CG   . LYS A 1 28 ? -14.268 -6.353 5.214   1.00 1.28 ? 28 LYS A CG   1 
ATOM 422 C CD   . LYS A 1 28 ? -13.732 -7.748 5.543   1.00 1.76 ? 28 LYS A CD   1 
ATOM 423 C CE   . LYS A 1 28 ? -12.239 -7.813 5.213   1.00 2.44 ? 28 LYS A CE   1 
ATOM 424 N NZ   . LYS A 1 28 ? -11.629 -8.983 5.904   1.00 3.06 ? 28 LYS A NZ   1 
ATOM 425 O OXT  . LYS A 1 28 ? -18.235 -6.986 7.017   1.00 1.77 ? 28 LYS A OXT  1 
ATOM 426 H H    . LYS A 1 28 ? -16.546 -3.564 6.605   1.00 1.27 ? 28 LYS A H    1 
ATOM 427 H HA   . LYS A 1 28 ? -16.717 -6.204 5.220   1.00 1.08 ? 28 LYS A HA   1 
ATOM 428 H HB2  . LYS A 1 28 ? -14.598 -4.810 6.672   1.00 1.80 ? 28 LYS A HB2  1 
ATOM 429 H HB3  . LYS A 1 28 ? -14.855 -6.447 7.276   1.00 1.97 ? 28 LYS A HB3  1 
ATOM 430 H HG2  . LYS A 1 28 ? -14.954 -6.417 4.382   1.00 1.35 ? 28 LYS A HG2  1 
ATOM 431 H HG3  . LYS A 1 28 ? -13.443 -5.705 4.952   1.00 1.14 ? 28 LYS A HG3  1 
ATOM 432 H HD2  . LYS A 1 28 ? -13.878 -7.951 6.593   1.00 2.08 ? 28 LYS A HD2  1 
ATOM 433 H HD3  . LYS A 1 28 ? -14.261 -8.484 4.956   1.00 2.01 ? 28 LYS A HD3  1 
ATOM 434 H HE2  . LYS A 1 28 ? -12.110 -7.918 4.146   1.00 2.81 ? 28 LYS A HE2  1 
ATOM 435 H HE3  . LYS A 1 28 ? -11.757 -6.906 5.547   1.00 2.83 ? 28 LYS A HE3  1 
ATOM 436 H HZ1  . LYS A 1 28 ? -12.379 -9.645 6.192   1.00 3.41 ? 28 LYS A HZ1  1 
ATOM 437 H HZ2  . LYS A 1 28 ? -10.972 -9.464 5.257   1.00 3.36 ? 28 LYS A HZ2  1 
ATOM 438 H HZ3  . LYS A 1 28 ? -11.110 -8.659 6.744   1.00 3.44 ? 28 LYS A HZ3  1 
# 
